data_6LN7
#
_entry.id   6LN7
#
_cell.length_a   1.00
_cell.length_b   1.00
_cell.length_c   1.00
_cell.angle_alpha   90.00
_cell.angle_beta   90.00
_cell.angle_gamma   90.00
#
_symmetry.space_group_name_H-M   'P 1'
#
loop_
_entity.id
_entity.type
_entity.pdbx_description
1 polymer 'Sarcoplasmic/endoplasmic reticulum calcium ATPase 2'
2 non-polymer 'PHOSPHOMETHYLPHOSPHONIC ACID ADENYLATE ESTER'
3 non-polymer 'MAGNESIUM ION'
4 non-polymer 'CALCIUM ION'
#
_entity_poly.entity_id   1
_entity_poly.type   'polypeptide(L)'
_entity_poly.pdbx_seq_one_letter_code
;MGGVAMPGAEDDVVRENLYFQGKDGLAAMENAHTKTVEEVLGHFGVNESTGLSLEQVKKLKERWGSNELPAEEGKTLLEL
VIEQFEDLLVRILLLAACISFVLAWFEEGEETITAFVEPFVILLILVANAIVGVWQERNAENAIEALKEYEPEMGKVYRQ
DRKSVQRIKAKDIVPGDIVEIAVGDKVPADIRLTSIKSTTLRVDQSILTGESVSVIKHTDPVPDPRAVNQDKKNMLFSGT
NIAAGKAMGVVVATGVNTEIGKIRDEMVATEQERTPLQQKLDEFGEQLSKVISLICIAVWIINIGHFNDPVHGGSWIRGA
IYYFKIAVALAVAAIPEGLPAVITTCLALGTRRMAKKNAIVRSLPSVETLGCTSVICSDKTGTLTTNQMSVCRMFILDRV
EGDTCSLNEFTITGSTYAPIGEVHKDDKPVNCHQYDGLVELATICALCNDSALDYNEAKGVYEKVGEATETALTCLVEKM
NVFDTELKGLSKIERANACNSVIKQLMKKEFTLEFSRDRKSMSVYCTPNKPSRTSMSKMFVKGAPEGVIDRCTHIRVGST
KVPMTSGVKQKIMSVIREWGSGSDTLRCLALATHDNPLRREEMHLEDSANFIKYETNLTFVGCVGMLDPPRIEVASSVKL
CRQAGIRVIMITGDNKGTAVAICRRIGIFGQDEDVTSKAFTGREFDELNPSAQRDACLNARCFARVEPSHKSKIVEFLQS
FDEITAMTGDGVNDAPALKKAEIGIAMGSGTAVAKTASEMVLADDNFSTIVAAVEEGRAIYNNMKQFIRYLISSNVGEVV
CIFLTAALGFPEALIPVQLLWVNLVTDGLPATALGFNPPDLDIMNKPPRNPKEPLISGWLFFRYLAIGCYVGAATVGAAA
WWFIAADGGPRVSFYQLSHFLQCKEDNPDFEGVDCAIFESPYPMTMALSVLVTIEMCNALNSLSENQSLLRMPPWENIWL
VGSICLSMSLHFLILYVEPLPLIFQITPLNVTQWLMVLKISLPVILMDETLKFVARNYLEPGKECVQPATKSCSFSACTD
GISWPFVLLIMPLVIWVYS
;
_entity_poly.pdbx_strand_id   A
#
loop_
_chem_comp.id
_chem_comp.type
_chem_comp.name
_chem_comp.formula
ACP non-polymer 'PHOSPHOMETHYLPHOSPHONIC ACID ADENYLATE ESTER' 'C11 H18 N5 O12 P3'
CA non-polymer 'CALCIUM ION' 'Ca 2'
MG non-polymer 'MAGNESIUM ION' 'Mg 2'
#
# COMPACT_ATOMS: atom_id res chain seq x y z
N MET A 29 21.76 36.33 -2.83
CA MET A 29 22.36 35.02 -2.63
C MET A 29 21.89 34.04 -3.69
N GLU A 30 22.66 33.89 -4.75
CA GLU A 30 22.32 32.99 -5.84
C GLU A 30 23.32 31.86 -6.03
N ASN A 31 24.60 32.08 -5.72
CA ASN A 31 25.62 31.04 -5.77
C ASN A 31 26.23 30.94 -4.37
N ALA A 32 25.60 30.16 -3.51
CA ALA A 32 26.03 30.04 -2.12
C ALA A 32 27.13 29.01 -1.93
N HIS A 33 27.25 28.05 -2.85
CA HIS A 33 28.28 27.03 -2.72
C HIS A 33 29.68 27.59 -2.96
N THR A 34 29.79 28.76 -3.58
CA THR A 34 31.08 29.37 -3.87
C THR A 34 31.53 30.34 -2.78
N LYS A 35 30.65 30.68 -1.85
CA LYS A 35 30.94 31.67 -0.82
C LYS A 35 31.30 31.00 0.50
N THR A 36 32.14 31.69 1.27
CA THR A 36 32.51 31.20 2.59
C THR A 36 31.29 31.22 3.51
N VAL A 37 31.28 30.29 4.47
CA VAL A 37 30.17 30.20 5.42
C VAL A 37 29.96 31.55 6.12
N GLU A 38 31.05 32.25 6.44
CA GLU A 38 30.93 33.55 7.07
C GLU A 38 30.26 34.56 6.15
N GLU A 39 30.49 34.44 4.84
CA GLU A 39 29.88 35.36 3.89
C GLU A 39 28.39 35.07 3.71
N VAL A 40 28.01 33.78 3.75
CA VAL A 40 26.59 33.45 3.64
C VAL A 40 25.84 33.81 4.90
N LEU A 41 26.48 33.63 6.06
CA LEU A 41 25.87 34.05 7.32
C LEU A 41 25.69 35.57 7.38
N GLY A 42 26.72 36.31 6.99
CA GLY A 42 26.62 37.77 6.97
C GLY A 42 25.63 38.31 5.97
N HIS A 43 25.34 37.54 4.92
CA HIS A 43 24.35 37.99 3.93
C HIS A 43 22.97 38.14 4.55
N PHE A 44 22.53 37.12 5.30
CA PHE A 44 21.25 37.15 5.97
C PHE A 44 21.31 37.83 7.34
N GLY A 45 22.51 38.13 7.83
CA GLY A 45 22.66 38.70 9.16
C GLY A 45 22.22 37.75 10.26
N VAL A 46 22.61 36.49 10.16
CA VAL A 46 22.16 35.45 11.09
C VAL A 46 23.38 34.90 11.83
N ASN A 47 23.19 34.59 13.10
CA ASN A 47 24.19 33.90 13.91
C ASN A 47 23.84 32.42 13.97
N GLU A 48 24.84 31.56 13.79
CA GLU A 48 24.58 30.12 13.81
C GLU A 48 24.16 29.64 15.19
N SER A 49 24.69 30.24 16.26
CA SER A 49 24.41 29.77 17.61
C SER A 49 22.96 30.01 17.99
N THR A 50 22.52 31.26 17.98
CA THR A 50 21.15 31.57 18.38
C THR A 50 20.16 31.31 17.26
N GLY A 51 20.30 32.02 16.14
CA GLY A 51 19.41 31.81 15.02
C GLY A 51 18.82 33.09 14.46
N LEU A 52 17.56 33.01 14.02
CA LEU A 52 16.89 34.12 13.37
C LEU A 52 15.80 34.66 14.28
N SER A 53 15.79 35.99 14.47
CA SER A 53 14.83 36.61 15.36
C SER A 53 13.43 36.49 14.80
N LEU A 54 12.44 36.87 15.62
CA LEU A 54 11.04 36.76 15.22
C LEU A 54 10.68 37.82 14.18
N GLU A 55 11.10 39.06 14.39
CA GLU A 55 10.74 40.12 13.45
C GLU A 55 11.48 39.97 12.13
N GLN A 56 12.65 39.33 12.14
CA GLN A 56 13.36 39.06 10.89
C GLN A 56 12.60 38.06 10.04
N VAL A 57 12.02 37.04 10.67
CA VAL A 57 11.24 36.05 9.93
C VAL A 57 10.00 36.68 9.32
N LYS A 58 9.39 37.63 10.03
CA LYS A 58 8.19 38.28 9.51
C LYS A 58 8.53 39.11 8.26
N LYS A 59 9.71 39.73 8.25
CA LYS A 59 10.14 40.45 7.06
C LYS A 59 10.45 39.49 5.92
N LEU A 60 11.14 38.39 6.22
CA LEU A 60 11.52 37.45 5.18
C LEU A 60 10.32 36.69 4.63
N LYS A 61 9.38 36.30 5.50
CA LYS A 61 8.18 35.62 5.03
C LYS A 61 7.32 36.54 4.17
N GLU A 62 7.33 37.85 4.46
CA GLU A 62 6.59 38.80 3.64
C GLU A 62 7.24 38.98 2.27
N ARG A 63 8.54 38.71 2.17
CA ARG A 63 9.27 38.88 0.92
C ARG A 63 9.45 37.59 0.15
N TRP A 64 9.55 36.45 0.84
CA TRP A 64 9.80 35.17 0.18
C TRP A 64 8.60 34.26 0.15
N GLY A 65 7.70 34.35 1.11
CA GLY A 65 6.47 33.59 1.08
C GLY A 65 6.58 32.26 1.80
N SER A 66 5.57 31.42 1.56
CA SER A 66 5.50 30.11 2.18
C SER A 66 6.47 29.14 1.50
N ASN A 67 7.12 28.32 2.32
CA ASN A 67 8.07 27.32 1.83
C ASN A 67 7.30 26.10 1.32
N GLU A 68 6.64 26.30 0.18
CA GLU A 68 5.84 25.24 -0.41
C GLU A 68 5.72 25.46 -1.91
N LEU A 69 5.52 24.37 -2.63
CA LEU A 69 5.32 24.33 -4.07
C LEU A 69 3.83 24.37 -4.40
N PRO A 70 3.47 24.88 -5.58
CA PRO A 70 2.05 24.91 -5.96
C PRO A 70 1.50 23.49 -6.13
N ALA A 71 0.22 23.34 -5.82
CA ALA A 71 -0.44 22.05 -5.91
C ALA A 71 -0.48 21.58 -7.37
N GLU A 72 0.09 20.40 -7.63
CA GLU A 72 0.14 19.84 -8.97
C GLU A 72 -0.85 18.69 -9.09
N GLU A 73 -1.74 18.79 -10.07
CA GLU A 73 -2.67 17.71 -10.34
C GLU A 73 -2.03 16.68 -11.27
N GLY A 74 -2.34 15.41 -11.01
CA GLY A 74 -1.71 14.31 -11.70
C GLY A 74 -1.86 14.30 -13.21
N LYS A 75 -3.08 14.10 -13.70
CA LYS A 75 -3.33 13.93 -15.12
C LYS A 75 -4.48 14.82 -15.57
N THR A 76 -4.45 15.18 -16.84
CA THR A 76 -5.53 15.95 -17.43
C THR A 76 -6.74 15.06 -17.71
N LEU A 77 -7.92 15.64 -17.65
CA LEU A 77 -9.15 14.87 -17.88
C LEU A 77 -9.17 14.29 -19.28
N LEU A 78 -8.55 14.96 -20.25
CA LEU A 78 -8.49 14.44 -21.61
C LEU A 78 -7.52 13.27 -21.70
N GLU A 79 -6.30 13.45 -21.19
CA GLU A 79 -5.32 12.36 -21.22
C GLU A 79 -5.76 11.19 -20.35
N LEU A 80 -6.61 11.45 -19.35
CA LEU A 80 -7.21 10.38 -18.56
C LEU A 80 -8.22 9.58 -19.38
N VAL A 81 -8.85 10.22 -20.38
CA VAL A 81 -9.77 9.51 -21.25
C VAL A 81 -9.02 8.71 -22.31
N ILE A 82 -7.93 9.26 -22.84
CA ILE A 82 -7.14 8.55 -23.83
C ILE A 82 -6.54 7.28 -23.25
N GLU A 83 -6.27 7.28 -21.95
CA GLU A 83 -5.70 6.10 -21.29
C GLU A 83 -6.68 4.93 -21.27
N GLN A 84 -7.98 5.18 -21.37
CA GLN A 84 -8.97 4.11 -21.37
C GLN A 84 -9.02 3.35 -22.68
N PHE A 85 -8.57 3.96 -23.78
CA PHE A 85 -8.60 3.34 -25.10
C PHE A 85 -7.24 2.80 -25.52
N GLU A 86 -6.48 2.27 -24.57
CA GLU A 86 -5.12 1.80 -24.83
C GLU A 86 -5.03 0.29 -25.01
N ASP A 87 -5.86 -0.48 -24.31
CA ASP A 87 -5.74 -1.93 -24.33
C ASP A 87 -6.21 -2.50 -25.67
N LEU A 88 -5.83 -3.75 -25.93
CA LEU A 88 -6.14 -4.39 -27.20
C LEU A 88 -7.63 -4.67 -27.33
N LEU A 89 -8.26 -5.15 -26.24
CA LEU A 89 -9.68 -5.49 -26.29
C LEU A 89 -10.56 -4.30 -26.62
N VAL A 90 -10.13 -3.09 -26.26
CA VAL A 90 -10.89 -1.89 -26.60
C VAL A 90 -10.63 -1.45 -28.03
N ARG A 91 -9.42 -1.70 -28.54
CA ARG A 91 -9.10 -1.31 -29.90
C ARG A 91 -9.80 -2.20 -30.92
N ILE A 92 -10.16 -3.43 -30.54
CA ILE A 92 -10.89 -4.31 -31.45
C ILE A 92 -12.28 -3.76 -31.71
N LEU A 93 -12.95 -3.28 -30.67
CA LEU A 93 -14.28 -2.69 -30.86
C LEU A 93 -14.22 -1.36 -31.58
N LEU A 94 -13.09 -0.65 -31.48
CA LEU A 94 -12.94 0.56 -32.28
C LEU A 94 -12.77 0.23 -33.76
N LEU A 95 -12.09 -0.88 -34.05
CA LEU A 95 -11.98 -1.33 -35.43
C LEU A 95 -13.31 -1.84 -35.96
N ALA A 96 -14.06 -2.57 -35.13
CA ALA A 96 -15.35 -3.09 -35.57
C ALA A 96 -16.36 -1.96 -35.76
N ALA A 97 -16.25 -0.90 -34.97
CA ALA A 97 -17.12 0.26 -35.16
C ALA A 97 -16.82 0.94 -36.50
N CYS A 98 -15.56 0.90 -36.93
CA CYS A 98 -15.20 1.46 -38.23
C CYS A 98 -15.73 0.57 -39.36
N ILE A 99 -15.55 -0.74 -39.24
CA ILE A 99 -16.04 -1.66 -40.26
C ILE A 99 -17.55 -1.58 -40.36
N SER A 100 -18.25 -1.48 -39.22
CA SER A 100 -19.70 -1.33 -39.24
C SER A 100 -20.12 0.00 -39.84
N PHE A 101 -19.25 1.02 -39.77
CA PHE A 101 -19.59 2.31 -40.33
C PHE A 101 -19.38 2.32 -41.84
N VAL A 102 -18.33 1.65 -42.33
CA VAL A 102 -18.05 1.63 -43.76
C VAL A 102 -19.07 0.75 -44.49
N LEU A 103 -19.42 -0.39 -43.90
CA LEU A 103 -20.41 -1.26 -44.52
C LEU A 103 -21.79 -0.59 -44.54
N ALA A 104 -22.11 0.17 -43.50
CA ALA A 104 -23.39 0.89 -43.50
C ALA A 104 -23.37 2.04 -44.50
N TRP A 105 -22.18 2.53 -44.85
CA TRP A 105 -22.05 3.62 -45.81
C TRP A 105 -22.06 3.14 -47.25
N PHE A 106 -21.57 1.93 -47.52
CA PHE A 106 -21.58 1.39 -48.88
C PHE A 106 -22.98 0.92 -49.24
N GLU A 107 -23.70 0.35 -48.28
CA GLU A 107 -25.13 0.08 -48.45
C GLU A 107 -25.89 1.39 -48.48
N GLU A 108 -27.22 1.31 -48.45
CA GLU A 108 -28.15 2.42 -48.69
C GLU A 108 -27.62 3.68 -47.99
N GLY A 109 -27.59 3.72 -46.65
CA GLY A 109 -27.04 4.85 -45.93
C GLY A 109 -27.57 6.22 -46.31
N GLU A 110 -28.79 6.31 -46.83
CA GLU A 110 -29.37 7.60 -47.21
C GLU A 110 -30.13 8.24 -46.06
N GLU A 111 -29.80 7.91 -44.81
CA GLU A 111 -30.63 8.29 -43.68
C GLU A 111 -29.73 8.60 -42.48
N THR A 112 -30.34 9.05 -41.39
CA THR A 112 -29.64 9.47 -40.18
C THR A 112 -29.21 8.28 -39.35
N ILE A 113 -28.85 8.54 -38.09
CA ILE A 113 -28.27 7.57 -37.16
C ILE A 113 -29.07 6.26 -37.12
N THR A 114 -30.36 6.30 -37.48
CA THR A 114 -31.16 5.09 -37.49
C THR A 114 -30.63 4.03 -38.44
N ALA A 115 -29.79 4.40 -39.41
CA ALA A 115 -29.10 3.44 -40.25
C ALA A 115 -27.68 3.16 -39.76
N PHE A 116 -27.21 3.89 -38.76
CA PHE A 116 -25.91 3.69 -38.13
C PHE A 116 -26.08 3.29 -36.67
N VAL A 117 -27.10 2.50 -36.38
CA VAL A 117 -27.31 2.03 -35.02
C VAL A 117 -26.24 1.02 -34.63
N GLU A 118 -25.69 0.29 -35.60
CA GLU A 118 -24.65 -0.69 -35.28
C GLU A 118 -23.37 -0.02 -34.80
N PRO A 119 -22.80 0.98 -35.49
CA PRO A 119 -21.63 1.65 -34.92
C PRO A 119 -21.93 2.45 -33.67
N PHE A 120 -23.18 2.90 -33.50
CA PHE A 120 -23.53 3.73 -32.35
C PHE A 120 -23.52 2.90 -31.07
N VAL A 121 -24.08 1.70 -31.11
CA VAL A 121 -24.14 0.87 -29.91
C VAL A 121 -22.79 0.22 -29.58
N ILE A 122 -21.87 0.18 -30.54
CA ILE A 122 -20.52 -0.29 -30.23
C ILE A 122 -19.75 0.78 -29.49
N LEU A 123 -20.02 2.05 -29.80
CA LEU A 123 -19.34 3.15 -29.13
C LEU A 123 -19.99 3.54 -27.81
N LEU A 124 -21.26 3.21 -27.60
CA LEU A 124 -21.89 3.47 -26.31
C LEU A 124 -21.22 2.67 -25.20
N ILE A 125 -20.89 1.41 -25.48
CA ILE A 125 -20.31 0.56 -24.45
C ILE A 125 -18.85 0.95 -24.21
N LEU A 126 -18.22 1.57 -25.20
CA LEU A 126 -16.83 2.00 -25.04
C LEU A 126 -16.74 3.27 -24.21
N VAL A 127 -17.64 4.22 -24.45
CA VAL A 127 -17.59 5.48 -23.72
C VAL A 127 -18.24 5.35 -22.35
N ALA A 128 -19.10 4.34 -22.16
CA ALA A 128 -19.69 4.13 -20.85
C ALA A 128 -18.66 3.58 -19.87
N ASN A 129 -17.90 2.57 -20.30
CA ASN A 129 -16.86 2.01 -19.45
C ASN A 129 -15.69 2.98 -19.32
N ALA A 130 -15.54 3.89 -20.28
CA ALA A 130 -14.49 4.90 -20.17
C ALA A 130 -14.85 5.95 -19.14
N ILE A 131 -16.14 6.27 -19.01
CA ILE A 131 -16.58 7.22 -18.00
C ILE A 131 -16.35 6.66 -16.61
N VAL A 132 -16.71 5.40 -16.39
CA VAL A 132 -16.55 4.78 -15.07
C VAL A 132 -15.07 4.63 -14.73
N GLY A 133 -14.24 4.38 -15.73
CA GLY A 133 -12.80 4.29 -15.46
C GLY A 133 -12.19 5.63 -15.12
N VAL A 134 -12.61 6.68 -15.84
CA VAL A 134 -12.11 8.02 -15.56
C VAL A 134 -12.68 8.53 -14.23
N TRP A 135 -13.95 8.24 -13.97
CA TRP A 135 -14.58 8.72 -12.75
C TRP A 135 -13.96 8.08 -11.51
N GLN A 136 -13.55 6.82 -11.62
CA GLN A 136 -12.98 6.15 -10.45
C GLN A 136 -11.51 6.51 -10.25
N GLU A 137 -10.81 6.86 -11.33
CA GLU A 137 -9.43 7.30 -11.19
C GLU A 137 -9.36 8.72 -10.61
N ARG A 138 -10.30 9.58 -11.01
CA ARG A 138 -10.33 10.93 -10.46
C ARG A 138 -10.65 10.91 -8.97
N ASN A 139 -11.49 9.97 -8.54
CA ASN A 139 -11.83 9.87 -7.12
C ASN A 139 -10.66 9.37 -6.30
N ALA A 140 -9.86 8.46 -6.85
CA ALA A 140 -8.69 7.97 -6.13
C ALA A 140 -7.60 9.03 -6.04
N GLU A 141 -7.47 9.85 -7.08
CA GLU A 141 -6.48 10.93 -7.04
C GLU A 141 -6.87 11.99 -6.03
N ASN A 142 -8.16 12.31 -5.93
CA ASN A 142 -8.61 13.30 -4.97
C ASN A 142 -8.43 12.81 -3.53
N ALA A 143 -8.61 11.51 -3.31
CA ALA A 143 -8.48 10.97 -1.97
C ALA A 143 -7.02 10.92 -1.52
N ILE A 144 -6.10 10.70 -2.44
CA ILE A 144 -4.69 10.58 -2.07
C ILE A 144 -4.10 11.95 -1.77
N GLU A 145 -4.41 12.95 -2.60
CA GLU A 145 -3.89 14.29 -2.36
C GLU A 145 -4.54 14.97 -1.17
N ALA A 146 -5.77 14.56 -0.81
CA ALA A 146 -6.38 15.02 0.43
C ALA A 146 -5.79 14.33 1.66
N LEU A 147 -4.96 13.30 1.46
CA LEU A 147 -4.25 12.65 2.55
C LEU A 147 -2.84 13.18 2.74
N LYS A 148 -2.29 13.88 1.74
CA LYS A 148 -0.99 14.51 1.90
C LYS A 148 -1.01 15.61 2.95
N GLU A 149 -2.17 16.20 3.21
CA GLU A 149 -2.32 17.25 4.20
C GLU A 149 -2.70 16.70 5.58
N TYR A 150 -2.54 15.39 5.79
CA TYR A 150 -2.90 14.78 7.07
C TYR A 150 -2.10 15.42 8.20
N GLU A 151 -0.78 15.28 8.16
CA GLU A 151 0.11 15.97 9.08
C GLU A 151 1.07 16.85 8.28
N PRO A 152 1.21 18.13 8.61
CA PRO A 152 2.14 18.97 7.87
C PRO A 152 3.58 18.56 8.12
N GLU A 153 4.42 18.69 7.10
CA GLU A 153 5.84 18.41 7.26
C GLU A 153 6.47 19.43 8.19
N MET A 154 7.28 18.94 9.12
CA MET A 154 7.93 19.77 10.12
C MET A 154 9.40 19.94 9.80
N GLY A 155 10.03 20.87 10.51
CA GLY A 155 11.44 21.12 10.35
C GLY A 155 12.05 21.76 11.58
N LYS A 156 13.24 21.31 11.96
CA LYS A 156 13.92 21.83 13.14
C LYS A 156 14.72 23.07 12.78
N VAL A 157 14.45 24.18 13.46
CA VAL A 157 15.16 25.42 13.24
C VAL A 157 15.66 25.96 14.57
N TYR A 158 16.58 26.91 14.49
CA TYR A 158 17.06 27.68 15.63
C TYR A 158 16.60 29.11 15.46
N ARG A 159 15.75 29.58 16.37
CA ARG A 159 15.27 30.95 16.33
C ARG A 159 15.44 31.59 17.71
N GLN A 160 15.42 32.92 17.73
CA GLN A 160 15.77 33.66 18.93
C GLN A 160 14.68 33.67 19.99
N ASP A 161 13.52 33.05 19.73
CA ASP A 161 12.50 32.97 20.77
C ASP A 161 12.76 31.85 21.77
N ARG A 162 13.61 30.88 21.41
CA ARG A 162 13.97 29.79 22.30
C ARG A 162 15.47 29.54 22.20
N LYS A 163 16.10 29.26 23.33
CA LYS A 163 17.54 29.01 23.34
C LYS A 163 17.90 27.62 22.82
N SER A 164 16.91 26.78 22.52
CA SER A 164 17.13 25.43 22.02
C SER A 164 16.48 25.28 20.65
N VAL A 165 16.66 24.11 20.06
CA VAL A 165 16.07 23.83 18.75
C VAL A 165 14.57 23.60 18.91
N GLN A 166 13.78 24.18 18.02
CA GLN A 166 12.33 24.08 18.06
C GLN A 166 11.83 23.49 16.76
N ARG A 167 10.79 22.67 16.86
CA ARG A 167 10.19 22.03 15.69
C ARG A 167 9.11 22.92 15.12
N ILE A 168 9.32 23.44 13.91
CA ILE A 168 8.35 24.31 13.24
C ILE A 168 7.91 23.64 11.95
N LYS A 169 6.86 24.20 11.35
CA LYS A 169 6.36 23.67 10.10
C LYS A 169 7.33 23.97 8.96
N ALA A 170 7.44 23.03 8.03
CA ALA A 170 8.36 23.19 6.91
C ALA A 170 7.98 24.40 6.05
N LYS A 171 6.67 24.66 5.92
CA LYS A 171 6.22 25.80 5.12
C LYS A 171 6.50 27.13 5.79
N ASP A 172 6.91 27.14 7.05
CA ASP A 172 7.21 28.36 7.78
C ASP A 172 8.70 28.68 7.77
N ILE A 173 9.50 27.95 7.01
CA ILE A 173 10.94 28.20 6.94
C ILE A 173 11.20 29.31 5.95
N VAL A 174 11.98 30.31 6.35
CA VAL A 174 12.32 31.44 5.49
C VAL A 174 13.80 31.32 5.11
N PRO A 175 14.22 31.90 3.99
CA PRO A 175 15.66 31.89 3.67
C PRO A 175 16.48 32.66 4.68
N GLY A 176 17.35 31.96 5.40
CA GLY A 176 18.23 32.63 6.35
C GLY A 176 18.33 31.96 7.69
N ASP A 177 17.26 31.30 8.15
CA ASP A 177 17.28 30.74 9.48
C ASP A 177 18.13 29.47 9.52
N ILE A 178 18.61 29.14 10.72
CA ILE A 178 19.47 27.99 10.93
C ILE A 178 18.60 26.76 11.10
N VAL A 179 18.80 25.76 10.25
CA VAL A 179 18.01 24.53 10.27
C VAL A 179 18.91 23.38 10.69
N GLU A 180 18.46 22.62 11.68
CA GLU A 180 19.17 21.43 12.13
C GLU A 180 18.56 20.20 11.48
N ILE A 181 19.42 19.26 11.10
CA ILE A 181 19.01 18.06 10.37
C ILE A 181 19.84 16.88 10.85
N ALA A 182 19.19 15.75 11.07
CA ALA A 182 19.82 14.55 11.55
C ALA A 182 19.54 13.40 10.58
N VAL A 183 20.09 12.22 10.88
CA VAL A 183 19.97 11.08 10.00
C VAL A 183 18.51 10.66 9.87
N GLY A 184 18.10 10.29 8.66
CA GLY A 184 16.75 9.89 8.39
C GLY A 184 15.79 11.02 8.07
N ASP A 185 16.17 12.27 8.33
CA ASP A 185 15.30 13.39 8.07
C ASP A 185 15.26 13.71 6.58
N LYS A 186 14.31 14.55 6.21
CA LYS A 186 14.18 15.06 4.85
C LYS A 186 14.56 16.54 4.86
N VAL A 187 15.48 16.91 3.97
CA VAL A 187 15.94 18.29 3.88
C VAL A 187 14.75 19.17 3.50
N PRO A 188 14.38 20.16 4.31
CA PRO A 188 13.17 20.94 4.03
C PRO A 188 13.36 22.11 3.09
N ALA A 189 14.60 22.54 2.85
CA ALA A 189 14.86 23.64 1.94
C ALA A 189 16.30 23.54 1.47
N ASP A 190 16.65 24.37 0.49
CA ASP A 190 18.03 24.44 0.02
C ASP A 190 18.90 25.04 1.11
N ILE A 191 19.92 24.30 1.54
CA ILE A 191 20.69 24.64 2.72
C ILE A 191 22.17 24.65 2.38
N ARG A 192 22.85 25.71 2.78
CA ARG A 192 24.31 25.78 2.72
C ARG A 192 24.89 25.29 4.03
N LEU A 193 25.62 24.18 3.99
CA LEU A 193 26.08 23.53 5.21
C LEU A 193 27.03 24.42 5.99
N THR A 194 26.70 24.67 7.25
CA THR A 194 27.50 25.52 8.13
C THR A 194 28.42 24.73 9.04
N SER A 195 27.95 23.61 9.59
CA SER A 195 28.78 22.78 10.46
C SER A 195 28.21 21.36 10.46
N ILE A 196 29.10 20.38 10.45
CA ILE A 196 28.73 18.97 10.47
C ILE A 196 29.01 18.46 11.88
N LYS A 197 27.95 18.20 12.64
CA LYS A 197 28.12 17.80 14.04
C LYS A 197 28.75 16.43 14.16
N SER A 198 28.42 15.52 13.25
CA SER A 198 28.98 14.17 13.27
C SER A 198 30.32 14.15 12.56
N THR A 199 30.83 12.95 12.29
CA THR A 199 32.10 12.79 11.59
C THR A 199 31.92 12.77 10.08
N THR A 200 30.79 12.26 9.58
CA THR A 200 30.56 12.14 8.15
C THR A 200 29.08 12.36 7.88
N LEU A 201 28.77 13.18 6.88
CA LEU A 201 27.39 13.46 6.50
C LEU A 201 27.14 12.83 5.13
N ARG A 202 26.24 11.85 5.08
CA ARG A 202 25.87 11.17 3.85
C ARG A 202 24.43 11.57 3.50
N VAL A 203 24.23 11.99 2.26
CA VAL A 203 22.93 12.43 1.78
C VAL A 203 22.53 11.57 0.58
N ASP A 204 21.27 11.15 0.56
CA ASP A 204 20.70 10.38 -0.55
C ASP A 204 19.89 11.33 -1.41
N GLN A 205 20.43 11.69 -2.57
CA GLN A 205 19.79 12.66 -3.45
C GLN A 205 19.50 12.07 -4.82
N SER A 206 18.94 10.86 -4.84
CA SER A 206 18.58 10.23 -6.10
C SER A 206 17.39 10.91 -6.77
N ILE A 207 16.50 11.52 -5.98
CA ILE A 207 15.32 12.15 -6.54
C ILE A 207 15.66 13.36 -7.40
N LEU A 208 16.81 13.99 -7.17
CA LEU A 208 17.21 15.18 -7.88
C LEU A 208 18.33 14.93 -8.88
N THR A 209 19.35 14.19 -8.47
CA THR A 209 20.52 13.94 -9.32
C THR A 209 20.34 12.68 -10.17
N GLY A 210 20.00 11.57 -9.54
CA GLY A 210 19.86 10.29 -10.22
C GLY A 210 20.86 9.24 -9.79
N GLU A 211 21.91 9.64 -9.06
CA GLU A 211 22.89 8.70 -8.55
C GLU A 211 22.33 7.88 -7.41
N SER A 212 22.67 6.59 -7.40
CA SER A 212 22.08 5.60 -6.50
C SER A 212 23.00 5.26 -5.32
N VAL A 213 23.71 6.24 -4.79
CA VAL A 213 24.58 6.03 -3.63
C VAL A 213 24.54 7.29 -2.77
N SER A 214 24.91 7.13 -1.50
CA SER A 214 24.99 8.26 -0.60
C SER A 214 26.16 9.14 -0.96
N VAL A 215 25.98 10.46 -0.82
CA VAL A 215 26.98 11.44 -1.19
C VAL A 215 27.63 11.97 0.08
N ILE A 216 28.96 12.07 0.07
CA ILE A 216 29.69 12.66 1.20
C ILE A 216 29.69 14.17 1.03
N LYS A 217 29.20 14.88 2.03
CA LYS A 217 29.13 16.33 2.01
C LYS A 217 30.19 16.92 2.92
N HIS A 218 30.54 18.18 2.66
CA HIS A 218 31.48 18.92 3.50
C HIS A 218 30.94 20.33 3.69
N THR A 219 31.75 21.19 4.28
CA THR A 219 31.35 22.56 4.61
C THR A 219 32.25 23.60 3.97
N ASP A 220 33.16 23.20 3.09
CA ASP A 220 34.09 24.06 2.39
C ASP A 220 33.48 24.55 1.07
N PRO A 221 33.87 25.75 0.62
CA PRO A 221 33.28 26.28 -0.61
C PRO A 221 33.92 25.67 -1.85
N VAL A 222 33.10 25.43 -2.86
CA VAL A 222 33.55 24.94 -4.15
C VAL A 222 33.75 26.14 -5.07
N PRO A 223 34.81 26.16 -5.88
CA PRO A 223 35.12 27.39 -6.63
C PRO A 223 34.20 27.66 -7.81
N ASP A 224 33.71 26.63 -8.47
CA ASP A 224 32.99 26.79 -9.73
C ASP A 224 31.63 27.45 -9.52
N PRO A 225 31.37 28.61 -10.11
CA PRO A 225 30.01 29.18 -10.01
C PRO A 225 28.97 28.41 -10.80
N ARG A 226 29.36 27.82 -11.94
CA ARG A 226 28.47 27.01 -12.74
C ARG A 226 28.54 25.53 -12.42
N ALA A 227 28.88 25.18 -11.18
CA ALA A 227 28.99 23.78 -10.79
C ALA A 227 27.64 23.08 -10.89
N VAL A 228 27.69 21.81 -11.31
CA VAL A 228 26.46 21.02 -11.36
C VAL A 228 26.12 20.54 -9.95
N ASN A 229 24.86 20.11 -9.77
CA ASN A 229 24.39 19.65 -8.48
C ASN A 229 25.21 18.47 -7.95
N GLN A 230 25.93 17.76 -8.82
CA GLN A 230 26.81 16.69 -8.36
C GLN A 230 28.03 17.24 -7.63
N ASP A 231 28.56 18.38 -8.11
CA ASP A 231 29.76 18.98 -7.54
C ASP A 231 29.48 19.86 -6.34
N LYS A 232 28.21 20.20 -6.09
CA LYS A 232 27.84 21.02 -4.93
C LYS A 232 27.84 20.12 -3.70
N LYS A 233 29.04 19.83 -3.21
CA LYS A 233 29.22 18.96 -2.06
C LYS A 233 29.16 19.72 -0.74
N ASN A 234 28.74 20.98 -0.76
CA ASN A 234 28.55 21.76 0.45
C ASN A 234 27.12 22.29 0.56
N MET A 235 26.23 21.86 -0.33
CA MET A 235 24.84 22.28 -0.32
C MET A 235 23.94 21.07 -0.16
N LEU A 236 22.80 21.28 0.50
CA LEU A 236 21.78 20.25 0.65
C LEU A 236 20.49 20.75 0.02
N PHE A 237 19.89 19.92 -0.83
CA PHE A 237 18.73 20.31 -1.61
C PHE A 237 17.46 19.71 -1.00
N SER A 238 16.37 20.47 -1.09
CA SER A 238 15.11 20.05 -0.51
C SER A 238 14.58 18.81 -1.23
N GLY A 239 13.86 17.98 -0.48
CA GLY A 239 13.36 16.73 -1.00
C GLY A 239 14.32 15.56 -0.88
N THR A 240 15.57 15.82 -0.54
CA THR A 240 16.55 14.75 -0.34
C THR A 240 16.59 14.34 1.12
N ASN A 241 17.13 13.15 1.37
CA ASN A 241 17.16 12.56 2.70
C ASN A 241 18.59 12.48 3.20
N ILE A 242 18.77 12.72 4.50
CA ILE A 242 20.07 12.53 5.15
C ILE A 242 20.22 11.04 5.44
N ALA A 243 21.23 10.42 4.83
CA ALA A 243 21.43 8.99 5.01
C ALA A 243 22.22 8.67 6.27
N ALA A 244 23.12 9.57 6.68
CA ALA A 244 23.93 9.34 7.87
C ALA A 244 24.47 10.68 8.37
N GLY A 245 24.49 10.84 9.68
CA GLY A 245 25.12 11.99 10.30
C GLY A 245 24.14 13.05 10.74
N LYS A 246 24.69 14.11 11.32
CA LYS A 246 23.94 15.25 11.79
C LYS A 246 24.70 16.52 11.44
N ALA A 247 23.97 17.52 10.94
CA ALA A 247 24.59 18.77 10.54
C ALA A 247 23.56 19.89 10.65
N MET A 248 24.01 21.11 10.39
CA MET A 248 23.13 22.27 10.35
C MET A 248 23.69 23.27 9.36
N GLY A 249 22.81 24.09 8.81
CA GLY A 249 23.21 25.08 7.83
C GLY A 249 22.20 26.20 7.72
N VAL A 250 22.42 27.07 6.74
CA VAL A 250 21.58 28.23 6.49
C VAL A 250 20.72 27.96 5.28
N VAL A 251 19.42 28.21 5.40
CA VAL A 251 18.52 28.07 4.26
C VAL A 251 18.80 29.19 3.27
N VAL A 252 19.00 28.84 2.01
CA VAL A 252 19.30 29.82 0.98
C VAL A 252 18.19 29.93 -0.07
N ALA A 253 17.29 28.97 -0.16
CA ALA A 253 16.21 29.03 -1.13
C ALA A 253 15.03 28.22 -0.61
N THR A 254 13.83 28.77 -0.80
CA THR A 254 12.60 28.12 -0.38
C THR A 254 11.59 28.16 -1.52
N GLY A 255 10.53 27.37 -1.38
CA GLY A 255 9.43 27.43 -2.33
C GLY A 255 9.86 26.94 -3.70
N VAL A 256 9.54 27.73 -4.72
CA VAL A 256 9.87 27.34 -6.09
C VAL A 256 11.32 27.67 -6.42
N ASN A 257 12.00 28.40 -5.54
CA ASN A 257 13.39 28.80 -5.79
C ASN A 257 14.37 27.67 -5.52
N THR A 258 13.92 26.53 -5.04
CA THR A 258 14.82 25.41 -4.78
C THR A 258 15.10 24.64 -6.06
N GLU A 259 16.12 23.77 -5.99
CA GLU A 259 16.50 22.98 -7.16
C GLU A 259 15.41 22.00 -7.55
N ILE A 260 14.79 21.34 -6.56
CA ILE A 260 13.70 20.41 -6.85
C ILE A 260 12.45 21.18 -7.27
N GLY A 261 12.36 22.46 -6.91
CA GLY A 261 11.19 23.24 -7.27
C GLY A 261 11.33 23.86 -8.65
N LYS A 262 12.56 24.12 -9.08
CA LYS A 262 12.77 24.72 -10.40
C LYS A 262 12.53 23.72 -11.51
N ILE A 263 12.74 22.43 -11.23
CA ILE A 263 12.56 21.38 -12.23
C ILE A 263 11.24 20.64 -12.04
N ARG A 264 10.29 21.22 -11.30
CA ARG A 264 9.01 20.55 -11.09
C ARG A 264 8.22 20.45 -12.39
N ASP A 265 8.54 21.32 -13.35
CA ASP A 265 7.92 21.20 -14.68
C ASP A 265 8.59 20.11 -15.50
N GLU A 266 9.91 20.02 -15.44
CA GLU A 266 10.65 18.94 -16.11
C GLU A 266 10.61 17.69 -15.23
N MET A 267 9.43 17.08 -15.19
CA MET A 267 9.16 15.93 -14.33
C MET A 267 8.78 14.69 -15.12
N VAL A 268 9.52 14.40 -16.20
CA VAL A 268 9.29 13.20 -16.99
C VAL A 268 9.42 11.98 -16.08
N ALA A 269 8.36 11.18 -16.00
CA ALA A 269 8.33 10.06 -15.08
C ALA A 269 8.62 8.75 -15.82
N THR A 270 9.30 7.85 -15.13
CA THR A 270 9.62 6.55 -15.70
C THR A 270 8.35 5.72 -15.85
N GLU A 271 8.39 4.77 -16.78
CA GLU A 271 7.24 3.91 -17.03
C GLU A 271 7.01 2.98 -15.84
N GLN A 272 5.89 3.19 -15.14
CA GLN A 272 5.51 2.29 -14.07
C GLN A 272 4.86 1.04 -14.65
N GLU A 273 5.53 -0.10 -14.48
CA GLU A 273 5.04 -1.34 -15.08
C GLU A 273 3.68 -1.72 -14.47
N ARG A 274 2.84 -2.30 -15.31
CA ARG A 274 1.51 -2.71 -14.87
C ARG A 274 1.59 -3.79 -13.81
N THR A 275 0.52 -3.92 -13.02
CA THR A 275 0.51 -4.86 -11.92
C THR A 275 0.67 -6.29 -12.43
N PRO A 276 1.22 -7.19 -11.62
CA PRO A 276 1.33 -8.60 -12.06
C PRO A 276 -0.02 -9.23 -12.37
N LEU A 277 -1.10 -8.72 -11.78
CA LEU A 277 -2.42 -9.19 -12.16
C LEU A 277 -2.81 -8.68 -13.55
N GLN A 278 -2.39 -7.45 -13.88
CA GLN A 278 -2.65 -6.92 -15.21
C GLN A 278 -1.86 -7.69 -16.26
N GLN A 279 -0.69 -8.22 -15.89
CA GLN A 279 0.08 -9.04 -16.82
C GLN A 279 -0.58 -10.39 -17.04
N LYS A 280 -1.30 -10.90 -16.03
CA LYS A 280 -2.04 -12.14 -16.18
C LYS A 280 -3.30 -11.93 -17.00
N LEU A 281 -3.89 -10.73 -16.91
CA LEU A 281 -5.15 -10.49 -17.59
C LEU A 281 -4.93 -10.01 -19.02
N ASP A 282 -3.78 -9.43 -19.32
CA ASP A 282 -3.45 -9.11 -20.71
C ASP A 282 -3.04 -10.35 -21.47
N GLU A 283 -2.33 -11.27 -20.81
CA GLU A 283 -2.03 -12.56 -21.43
C GLU A 283 -3.31 -13.35 -21.66
N PHE A 284 -4.26 -13.25 -20.72
CA PHE A 284 -5.56 -13.89 -20.92
C PHE A 284 -6.35 -13.19 -22.00
N GLY A 285 -6.27 -11.85 -22.06
CA GLY A 285 -6.97 -11.12 -23.09
C GLY A 285 -6.45 -11.41 -24.48
N GLU A 286 -5.14 -11.66 -24.59
CA GLU A 286 -4.57 -11.99 -25.90
C GLU A 286 -4.93 -13.40 -26.32
N GLN A 287 -4.99 -14.34 -25.36
CA GLN A 287 -5.40 -15.70 -25.68
C GLN A 287 -6.88 -15.76 -26.02
N LEU A 288 -7.68 -14.92 -25.39
CA LEU A 288 -9.12 -14.89 -25.66
C LEU A 288 -9.39 -14.32 -27.05
N SER A 289 -8.60 -13.34 -27.49
CA SER A 289 -8.79 -12.76 -28.81
C SER A 289 -8.49 -13.77 -29.91
N LYS A 290 -7.60 -14.73 -29.63
CA LYS A 290 -7.30 -15.75 -30.63
C LYS A 290 -8.44 -16.76 -30.75
N VAL A 291 -9.09 -17.08 -29.63
CA VAL A 291 -10.23 -17.99 -29.67
C VAL A 291 -11.42 -17.32 -30.35
N ILE A 292 -11.61 -16.03 -30.09
CA ILE A 292 -12.70 -15.30 -30.74
C ILE A 292 -12.47 -15.23 -32.24
N SER A 293 -11.22 -15.04 -32.65
CA SER A 293 -10.91 -14.94 -34.08
C SER A 293 -11.24 -16.23 -34.81
N LEU A 294 -10.96 -17.37 -34.17
CA LEU A 294 -11.25 -18.65 -34.81
C LEU A 294 -12.74 -18.94 -34.81
N ILE A 295 -13.46 -18.45 -33.80
CA ILE A 295 -14.90 -18.69 -33.73
C ILE A 295 -15.63 -17.88 -34.79
N CYS A 296 -15.30 -16.60 -34.92
CA CYS A 296 -15.97 -15.76 -35.90
C CYS A 296 -15.60 -16.15 -37.33
N ILE A 297 -14.42 -16.74 -37.53
CA ILE A 297 -14.09 -17.28 -38.84
C ILE A 297 -14.93 -18.52 -39.13
N ALA A 298 -15.15 -19.35 -38.11
CA ALA A 298 -15.95 -20.55 -38.30
C ALA A 298 -17.41 -20.22 -38.57
N VAL A 299 -17.90 -19.12 -38.00
CA VAL A 299 -19.28 -18.69 -38.25
C VAL A 299 -19.45 -18.33 -39.72
N TRP A 300 -18.48 -17.61 -40.28
CA TRP A 300 -18.54 -17.25 -41.69
C TRP A 300 -18.37 -18.46 -42.60
N ILE A 301 -17.72 -19.52 -42.10
CA ILE A 301 -17.42 -20.67 -42.94
C ILE A 301 -18.56 -21.68 -42.93
N ILE A 302 -19.15 -21.93 -41.76
CA ILE A 302 -20.26 -22.89 -41.70
C ILE A 302 -21.48 -22.37 -42.43
N ASN A 303 -21.53 -21.08 -42.74
CA ASN A 303 -22.63 -20.49 -43.49
C ASN A 303 -22.27 -20.27 -44.96
N ILE A 304 -21.19 -20.90 -45.44
CA ILE A 304 -20.84 -20.83 -46.86
C ILE A 304 -21.99 -21.36 -47.72
N GLY A 305 -22.66 -22.39 -47.23
CA GLY A 305 -23.74 -23.03 -47.96
C GLY A 305 -24.83 -22.09 -48.45
N HIS A 306 -25.53 -21.44 -47.53
CA HIS A 306 -26.63 -20.55 -47.90
C HIS A 306 -26.17 -19.10 -47.94
N PHE A 307 -25.24 -18.81 -48.87
CA PHE A 307 -24.96 -17.45 -49.26
C PHE A 307 -25.86 -16.98 -50.40
N ASN A 308 -26.31 -17.91 -51.24
CA ASN A 308 -27.17 -17.62 -52.39
C ASN A 308 -28.65 -17.73 -52.07
N ASP A 309 -29.03 -17.57 -50.80
CA ASP A 309 -30.44 -17.64 -50.43
C ASP A 309 -31.20 -16.49 -51.08
N PRO A 310 -32.50 -16.67 -51.33
CA PRO A 310 -33.29 -15.58 -51.93
C PRO A 310 -33.40 -14.35 -51.06
N VAL A 311 -33.11 -14.45 -49.76
CA VAL A 311 -33.14 -13.27 -48.91
C VAL A 311 -32.01 -12.32 -49.28
N HIS A 312 -30.90 -12.85 -49.81
CA HIS A 312 -29.79 -12.03 -50.27
C HIS A 312 -29.86 -11.75 -51.76
N GLY A 313 -31.00 -12.00 -52.40
CA GLY A 313 -31.15 -11.74 -53.81
C GLY A 313 -30.40 -12.68 -54.72
N GLY A 314 -29.96 -13.83 -54.22
CA GLY A 314 -29.18 -14.76 -55.01
C GLY A 314 -27.76 -14.31 -55.28
N SER A 315 -27.29 -13.24 -54.64
CA SER A 315 -25.96 -12.73 -54.85
C SER A 315 -25.01 -13.31 -53.82
N TRP A 316 -23.91 -13.91 -54.28
CA TRP A 316 -22.93 -14.47 -53.37
C TRP A 316 -22.23 -13.38 -52.56
N ILE A 317 -22.05 -12.20 -53.15
CA ILE A 317 -21.33 -11.13 -52.48
C ILE A 317 -22.18 -10.51 -51.38
N ARG A 318 -23.44 -10.23 -51.66
CA ARG A 318 -24.32 -9.64 -50.64
C ARG A 318 -24.61 -10.64 -49.53
N GLY A 319 -24.60 -11.93 -49.86
CA GLY A 319 -24.72 -12.94 -48.81
C GLY A 319 -23.45 -13.06 -47.98
N ALA A 320 -22.29 -12.81 -48.60
CA ALA A 320 -21.04 -12.88 -47.86
C ALA A 320 -20.85 -11.63 -47.00
N ILE A 321 -21.32 -10.48 -47.47
CA ILE A 321 -21.25 -9.26 -46.67
C ILE A 321 -22.15 -9.38 -45.45
N TYR A 322 -23.30 -10.04 -45.59
CA TYR A 322 -24.20 -10.20 -44.47
C TYR A 322 -23.59 -11.05 -43.38
N TYR A 323 -23.08 -12.23 -43.75
CA TYR A 323 -22.48 -13.13 -42.76
C TYR A 323 -21.10 -12.65 -42.32
N PHE A 324 -20.55 -11.62 -42.97
CA PHE A 324 -19.37 -10.95 -42.42
C PHE A 324 -19.77 -10.08 -41.23
N LYS A 325 -20.91 -9.41 -41.32
CA LYS A 325 -21.41 -8.63 -40.19
C LYS A 325 -21.83 -9.54 -39.04
N ILE A 326 -22.25 -10.77 -39.34
CA ILE A 326 -22.53 -11.74 -38.29
C ILE A 326 -21.26 -12.08 -37.53
N ALA A 327 -20.16 -12.25 -38.25
CA ALA A 327 -18.89 -12.59 -37.61
C ALA A 327 -18.31 -11.42 -36.84
N VAL A 328 -18.53 -10.20 -37.32
CA VAL A 328 -18.03 -9.03 -36.62
C VAL A 328 -18.89 -8.72 -35.40
N ALA A 329 -20.21 -8.87 -35.53
CA ALA A 329 -21.08 -8.64 -34.38
C ALA A 329 -20.87 -9.69 -33.31
N LEU A 330 -20.55 -10.92 -33.71
CA LEU A 330 -20.29 -11.98 -32.73
C LEU A 330 -18.94 -11.77 -32.07
N ALA A 331 -18.01 -11.09 -32.75
CA ALA A 331 -16.74 -10.76 -32.12
C ALA A 331 -16.92 -9.70 -31.04
N VAL A 332 -17.70 -8.67 -31.33
CA VAL A 332 -17.96 -7.63 -30.34
C VAL A 332 -18.76 -8.20 -29.17
N ALA A 333 -19.73 -9.07 -29.46
CA ALA A 333 -20.58 -9.61 -28.41
C ALA A 333 -19.80 -10.50 -27.46
N ALA A 334 -18.83 -11.26 -27.97
CA ALA A 334 -18.10 -12.22 -27.16
C ALA A 334 -16.87 -11.62 -26.49
N ILE A 335 -16.30 -10.56 -27.04
CA ILE A 335 -15.07 -9.98 -26.48
C ILE A 335 -15.40 -9.23 -25.20
N PRO A 336 -14.65 -9.44 -24.11
CA PRO A 336 -14.85 -8.67 -22.87
C PRO A 336 -14.26 -7.26 -22.96
N GLU A 337 -15.03 -6.36 -23.58
CA GLU A 337 -14.55 -5.00 -23.80
C GLU A 337 -14.39 -4.22 -22.51
N GLY A 338 -15.19 -4.50 -21.49
CA GLY A 338 -15.08 -3.84 -20.21
C GLY A 338 -14.03 -4.42 -19.29
N LEU A 339 -13.24 -5.39 -19.77
CA LEU A 339 -12.22 -5.99 -18.91
C LEU A 339 -11.11 -5.00 -18.57
N PRO A 340 -10.53 -4.24 -19.52
CA PRO A 340 -9.52 -3.26 -19.11
C PRO A 340 -10.08 -2.16 -18.21
N ALA A 341 -11.35 -1.81 -18.38
CA ALA A 341 -11.93 -0.75 -17.57
C ALA A 341 -12.22 -1.23 -16.15
N VAL A 342 -12.63 -2.49 -16.00
CA VAL A 342 -12.97 -3.00 -14.67
C VAL A 342 -11.71 -3.30 -13.88
N ILE A 343 -10.58 -3.52 -14.57
CA ILE A 343 -9.32 -3.74 -13.87
C ILE A 343 -8.88 -2.45 -13.16
N THR A 344 -8.87 -1.34 -13.91
CA THR A 344 -8.46 -0.08 -13.32
C THR A 344 -9.51 0.47 -12.37
N THR A 345 -10.77 0.05 -12.52
CA THR A 345 -11.81 0.48 -11.60
C THR A 345 -11.61 -0.15 -10.22
N CYS A 346 -11.30 -1.45 -10.19
CA CYS A 346 -11.05 -2.11 -8.92
C CYS A 346 -9.78 -1.60 -8.27
N LEU A 347 -8.75 -1.31 -9.06
CA LEU A 347 -7.51 -0.79 -8.51
C LEU A 347 -7.71 0.62 -7.96
N ALA A 348 -8.43 1.47 -8.70
CA ALA A 348 -8.68 2.82 -8.21
C ALA A 348 -9.62 2.82 -7.00
N LEU A 349 -10.53 1.84 -6.94
CA LEU A 349 -11.36 1.69 -5.75
C LEU A 349 -10.53 1.27 -4.55
N GLY A 350 -9.58 0.36 -4.76
CA GLY A 350 -8.72 -0.07 -3.67
C GLY A 350 -7.83 1.05 -3.16
N THR A 351 -7.37 1.92 -4.06
CA THR A 351 -6.56 3.06 -3.64
C THR A 351 -7.41 4.08 -2.87
N ARG A 352 -8.66 4.28 -3.28
CA ARG A 352 -9.53 5.20 -2.57
C ARG A 352 -9.97 4.64 -1.23
N ARG A 353 -10.21 3.32 -1.17
CA ARG A 353 -10.66 2.72 0.08
C ARG A 353 -9.54 2.67 1.12
N MET A 354 -8.28 2.67 0.67
CA MET A 354 -7.17 2.71 1.61
C MET A 354 -6.92 4.13 2.11
N ALA A 355 -7.09 5.13 1.24
CA ALA A 355 -6.92 6.52 1.67
C ALA A 355 -7.93 6.91 2.73
N LYS A 356 -9.13 6.33 2.71
CA LYS A 356 -10.10 6.58 3.76
C LYS A 356 -9.70 5.95 5.08
N LYS A 357 -8.73 5.04 5.07
CA LYS A 357 -8.17 4.46 6.29
C LYS A 357 -6.79 5.02 6.59
N ASN A 358 -6.46 6.17 6.01
CA ASN A 358 -5.18 6.86 6.22
C ASN A 358 -4.01 5.95 5.82
N ALA A 359 -3.98 5.61 4.53
CA ALA A 359 -2.92 4.77 3.98
C ALA A 359 -2.60 5.31 2.58
N ILE A 360 -1.46 5.99 2.45
CA ILE A 360 -1.03 6.52 1.17
C ILE A 360 -0.41 5.39 0.37
N VAL A 361 -1.11 4.96 -0.68
CA VAL A 361 -0.65 3.91 -1.57
C VAL A 361 0.07 4.60 -2.73
N ARG A 362 1.39 4.55 -2.72
CA ARG A 362 2.18 5.20 -3.77
C ARG A 362 2.25 4.33 -5.03
N SER A 363 2.72 3.09 -4.88
CA SER A 363 2.80 2.15 -5.99
C SER A 363 1.46 1.46 -6.16
N LEU A 364 0.93 1.49 -7.38
CA LEU A 364 -0.38 0.91 -7.65
C LEU A 364 -0.41 -0.61 -7.46
N PRO A 365 0.56 -1.41 -7.95
CA PRO A 365 0.46 -2.87 -7.76
C PRO A 365 0.61 -3.32 -6.32
N SER A 366 0.86 -2.37 -5.40
CA SER A 366 1.16 -2.75 -4.03
C SER A 366 -0.06 -3.32 -3.32
N VAL A 367 -1.23 -2.73 -3.55
CA VAL A 367 -2.41 -3.11 -2.79
C VAL A 367 -2.93 -4.49 -3.24
N GLU A 368 -2.79 -4.80 -4.52
CA GLU A 368 -3.25 -6.12 -4.98
C GLU A 368 -2.19 -7.19 -4.74
N THR A 369 -0.93 -6.79 -4.62
CA THR A 369 0.11 -7.74 -4.22
C THR A 369 0.01 -8.05 -2.74
N LEU A 370 -0.54 -7.11 -1.96
CA LEU A 370 -0.74 -7.35 -0.53
C LEU A 370 -1.81 -8.40 -0.27
N GLY A 371 -2.69 -8.64 -1.24
CA GLY A 371 -3.67 -9.70 -1.09
C GLY A 371 -3.05 -11.08 -1.19
N CYS A 372 -1.89 -11.17 -1.83
CA CYS A 372 -1.18 -12.43 -2.00
C CYS A 372 -0.07 -12.62 -0.98
N THR A 373 0.08 -11.69 -0.04
CA THR A 373 1.20 -11.75 0.89
C THR A 373 1.06 -12.93 1.85
N SER A 374 2.20 -13.52 2.18
CA SER A 374 2.26 -14.66 3.09
C SER A 374 3.06 -14.39 4.34
N VAL A 375 3.99 -13.44 4.32
CA VAL A 375 4.81 -13.07 5.47
C VAL A 375 4.76 -11.56 5.62
N ILE A 376 4.65 -11.10 6.86
CA ILE A 376 4.72 -9.67 7.18
C ILE A 376 5.85 -9.50 8.18
N CYS A 377 7.05 -9.23 7.67
CA CYS A 377 8.16 -8.87 8.55
C CYS A 377 7.97 -7.46 9.07
N SER A 378 8.17 -7.28 10.37
CA SER A 378 7.83 -6.01 10.99
C SER A 378 8.94 -5.55 11.92
N ASP A 379 9.29 -4.27 11.82
CA ASP A 379 10.15 -3.63 12.80
C ASP A 379 9.45 -3.63 14.15
N LYS A 380 10.24 -3.78 15.22
CA LYS A 380 9.65 -3.73 16.56
C LYS A 380 9.51 -2.30 17.05
N THR A 381 10.62 -1.58 17.17
CA THR A 381 10.59 -0.26 17.77
C THR A 381 10.04 0.78 16.80
N GLY A 382 8.99 1.48 17.25
CA GLY A 382 8.35 2.49 16.44
C GLY A 382 7.25 1.96 15.56
N THR A 383 7.35 0.69 15.18
CA THR A 383 6.40 0.06 14.27
C THR A 383 5.37 -0.80 15.01
N LEU A 384 5.84 -1.79 15.76
CA LEU A 384 4.96 -2.61 16.58
C LEU A 384 4.74 -2.01 17.97
N THR A 385 5.41 -0.91 18.28
CA THR A 385 5.31 -0.26 19.57
C THR A 385 5.10 1.24 19.36
N THR A 386 4.23 1.84 20.19
CA THR A 386 4.08 3.27 20.18
C THR A 386 5.37 3.93 20.65
N ASN A 387 6.03 4.68 19.78
CA ASN A 387 7.36 5.18 20.07
C ASN A 387 7.31 6.27 21.12
N GLN A 388 6.93 5.90 22.34
CA GLN A 388 6.68 6.83 23.45
C GLN A 388 7.51 6.43 24.66
N MET A 389 8.80 6.26 24.45
CA MET A 389 9.68 5.75 25.50
C MET A 389 9.76 6.73 26.67
N SER A 390 10.06 6.18 27.84
CA SER A 390 10.29 6.95 29.05
C SER A 390 11.09 6.10 30.02
N VAL A 391 12.21 6.64 30.50
CA VAL A 391 13.07 5.90 31.42
C VAL A 391 12.33 5.76 32.75
N CYS A 392 11.99 4.52 33.11
CA CYS A 392 11.29 4.25 34.35
C CYS A 392 12.13 3.48 35.35
N ARG A 393 13.30 2.99 34.96
CA ARG A 393 14.20 2.27 35.86
C ARG A 393 15.63 2.59 35.50
N MET A 394 16.49 2.56 36.52
CA MET A 394 17.93 2.74 36.34
C MET A 394 18.62 2.26 37.59
N PHE A 395 19.85 1.78 37.43
CA PHE A 395 20.61 1.30 38.57
C PHE A 395 22.08 1.69 38.41
N ILE A 396 22.71 1.96 39.56
CA ILE A 396 24.15 2.19 39.63
C ILE A 396 24.71 1.28 40.71
N LEU A 397 26.02 1.10 40.68
CA LEU A 397 26.68 0.23 41.64
C LEU A 397 26.77 0.90 43.01
N ASP A 398 26.19 0.27 44.02
CA ASP A 398 26.29 0.78 45.38
C ASP A 398 27.63 0.40 46.00
N ARG A 399 27.91 -0.90 46.09
CA ARG A 399 29.19 -1.39 46.60
C ARG A 399 29.50 -2.72 45.92
N VAL A 400 30.79 -3.00 45.75
CA VAL A 400 31.26 -4.20 45.09
C VAL A 400 32.15 -4.98 46.06
N GLU A 401 31.75 -6.20 46.38
CA GLU A 401 32.57 -7.09 47.17
C GLU A 401 33.40 -7.99 46.26
N GLY A 402 34.03 -9.02 46.82
CA GLY A 402 34.83 -9.92 46.03
C GLY A 402 34.02 -10.71 45.02
N ASP A 403 34.21 -10.41 43.74
CA ASP A 403 33.56 -11.08 42.62
C ASP A 403 32.05 -11.01 42.70
N THR A 404 31.50 -10.01 43.38
CA THR A 404 30.06 -9.78 43.43
C THR A 404 29.84 -8.33 43.84
N CYS A 405 28.61 -7.87 43.63
CA CYS A 405 28.32 -6.45 43.83
C CYS A 405 26.90 -6.29 44.34
N SER A 406 26.58 -5.07 44.74
CA SER A 406 25.22 -4.68 45.12
C SER A 406 24.86 -3.43 44.36
N LEU A 407 23.63 -3.37 43.86
CA LEU A 407 23.18 -2.27 43.02
C LEU A 407 22.39 -1.25 43.82
N ASN A 408 22.23 -0.08 43.24
CA ASN A 408 21.36 0.98 43.74
C ASN A 408 20.31 1.20 42.65
N GLU A 409 19.21 0.45 42.74
CA GLU A 409 18.16 0.51 41.73
C GLU A 409 17.14 1.56 42.07
N PHE A 410 16.69 2.29 41.05
CA PHE A 410 15.74 3.38 41.21
C PHE A 410 14.57 3.18 40.26
N THR A 411 13.49 3.93 40.52
CA THR A 411 12.32 3.96 39.66
C THR A 411 11.93 5.41 39.42
N ILE A 412 11.47 5.71 38.21
CA ILE A 412 11.16 7.06 37.80
C ILE A 412 9.70 7.13 37.39
N THR A 413 9.00 8.16 37.84
CA THR A 413 7.57 8.33 37.57
C THR A 413 7.38 9.19 36.33
N GLY A 414 6.41 8.78 35.49
CA GLY A 414 6.12 9.51 34.27
C GLY A 414 6.28 8.63 33.04
N SER A 415 5.32 8.69 32.13
CA SER A 415 5.35 7.88 30.92
C SER A 415 5.36 8.70 29.65
N THR A 416 5.31 10.02 29.74
CA THR A 416 5.32 10.91 28.58
C THR A 416 6.68 11.60 28.47
N TYR A 417 6.79 12.53 27.54
CA TYR A 417 8.01 13.31 27.33
C TYR A 417 8.03 14.59 28.15
N ALA A 418 7.12 14.73 29.10
CA ALA A 418 7.13 15.92 29.95
C ALA A 418 8.14 15.77 31.06
N PRO A 419 8.93 16.80 31.36
CA PRO A 419 9.94 16.72 32.42
C PRO A 419 9.38 16.90 33.83
N ILE A 420 8.28 16.21 34.11
CA ILE A 420 7.64 16.23 35.42
C ILE A 420 7.59 14.80 35.92
N GLY A 421 8.55 14.43 36.77
CA GLY A 421 8.62 13.10 37.34
C GLY A 421 9.46 13.13 38.59
N GLU A 422 9.66 11.96 39.18
CA GLU A 422 10.31 11.86 40.47
C GLU A 422 10.99 10.51 40.60
N VAL A 423 12.17 10.50 41.20
CA VAL A 423 12.95 9.28 41.38
C VAL A 423 12.68 8.72 42.77
N HIS A 424 12.53 7.41 42.87
CA HIS A 424 12.26 6.73 44.14
C HIS A 424 13.30 5.64 44.35
N LYS A 425 14.08 5.76 45.42
CA LYS A 425 15.02 4.71 45.77
C LYS A 425 14.30 3.43 46.16
N ASP A 426 13.55 3.47 47.26
CA ASP A 426 12.65 2.38 47.66
C ASP A 426 11.28 3.00 47.97
N ASP A 427 10.51 3.27 46.92
CA ASP A 427 9.23 3.97 47.03
C ASP A 427 9.32 5.19 47.95
N LYS A 428 10.44 5.91 47.92
CA LYS A 428 10.67 7.09 48.75
C LYS A 428 11.25 8.21 47.89
N PRO A 429 10.80 9.44 48.09
CA PRO A 429 11.42 10.57 47.36
C PRO A 429 12.89 10.69 47.69
N VAL A 430 13.70 10.80 46.64
CA VAL A 430 15.15 10.88 46.77
C VAL A 430 15.66 12.03 45.90
N ASN A 431 16.71 12.70 46.36
CA ASN A 431 17.38 13.71 45.55
C ASN A 431 18.68 13.13 45.00
N CYS A 432 18.81 13.15 43.68
CA CYS A 432 19.92 12.48 43.01
C CYS A 432 21.24 13.24 43.14
N HIS A 433 21.25 14.37 43.84
CA HIS A 433 22.50 15.10 44.06
C HIS A 433 23.40 14.34 45.02
N GLN A 434 22.82 13.48 45.85
CA GLN A 434 23.62 12.78 46.86
C GLN A 434 24.50 11.71 46.24
N TYR A 435 23.96 10.95 45.28
CA TYR A 435 24.68 9.84 44.68
C TYR A 435 25.62 10.37 43.58
N ASP A 436 26.92 10.14 43.76
CA ASP A 436 27.88 10.53 42.74
C ASP A 436 27.71 9.70 41.47
N GLY A 437 27.20 8.48 41.61
CA GLY A 437 26.94 7.67 40.42
C GLY A 437 25.79 8.20 39.60
N LEU A 438 24.75 8.73 40.27
CA LEU A 438 23.63 9.30 39.54
C LEU A 438 24.01 10.61 38.87
N VAL A 439 24.95 11.34 39.46
CA VAL A 439 25.44 12.58 38.83
C VAL A 439 26.18 12.25 37.55
N GLU A 440 27.01 11.21 37.58
CA GLU A 440 27.74 10.81 36.38
C GLU A 440 26.82 10.13 35.37
N LEU A 441 25.77 9.47 35.85
CA LEU A 441 24.81 8.85 34.95
C LEU A 441 24.06 9.89 34.14
N ALA A 442 23.71 11.01 34.77
CA ALA A 442 22.99 12.07 34.06
C ALA A 442 23.92 12.87 33.15
N THR A 443 25.22 12.92 33.47
CA THR A 443 26.15 13.61 32.60
C THR A 443 26.33 12.87 31.28
N ILE A 444 26.35 11.55 31.32
CA ILE A 444 26.41 10.77 30.08
C ILE A 444 25.12 10.93 29.29
N CYS A 445 23.98 10.87 29.98
CA CYS A 445 22.69 10.99 29.31
C CYS A 445 22.46 12.37 28.72
N ALA A 446 23.19 13.39 29.19
CA ALA A 446 23.03 14.74 28.68
C ALA A 446 24.00 15.06 27.56
N LEU A 447 25.26 14.65 27.70
CA LEU A 447 26.30 14.99 26.74
C LEU A 447 26.40 14.01 25.58
N CYS A 448 25.90 12.78 25.74
CA CYS A 448 25.92 11.79 24.67
C CYS A 448 24.57 11.73 23.96
N ASN A 449 23.94 12.89 23.81
CA ASN A 449 22.62 13.00 23.20
C ASN A 449 22.69 13.84 21.94
N ASP A 450 22.08 13.34 20.86
CA ASP A 450 21.83 14.13 19.68
C ASP A 450 20.40 14.66 19.62
N SER A 451 19.56 14.29 20.59
CA SER A 451 18.16 14.69 20.61
C SER A 451 17.94 15.76 21.68
N ALA A 452 16.70 16.25 21.73
CA ALA A 452 16.33 17.29 22.69
C ALA A 452 14.83 17.19 22.94
N LEU A 453 14.34 18.08 23.81
CA LEU A 453 12.94 18.10 24.22
C LEU A 453 12.35 19.43 23.81
N ASP A 454 11.25 19.38 23.07
CA ASP A 454 10.57 20.57 22.56
C ASP A 454 9.15 20.63 23.09
N TYR A 455 8.72 21.83 23.46
CA TYR A 455 7.37 22.03 23.97
C TYR A 455 6.48 22.57 22.85
N ASN A 456 5.36 21.89 22.64
CA ASN A 456 4.38 22.30 21.62
C ASN A 456 3.31 23.13 22.30
N GLU A 457 3.39 24.45 22.16
CA GLU A 457 2.42 25.33 22.82
C GLU A 457 1.04 25.21 22.20
N ALA A 458 0.98 24.83 20.92
CA ALA A 458 -0.31 24.67 20.26
C ALA A 458 -1.05 23.46 20.81
N LYS A 459 -0.34 22.35 21.02
CA LYS A 459 -0.96 21.12 21.53
C LYS A 459 -0.83 20.96 23.04
N GLY A 460 0.03 21.75 23.68
CA GLY A 460 0.19 21.65 25.13
C GLY A 460 0.89 20.39 25.58
N VAL A 461 1.80 19.87 24.76
CA VAL A 461 2.54 18.65 25.08
C VAL A 461 4.01 18.86 24.72
N TYR A 462 4.87 18.12 25.41
CA TYR A 462 6.29 18.10 25.09
C TYR A 462 6.55 17.05 24.01
N GLU A 463 7.11 17.49 22.90
CA GLU A 463 7.43 16.61 21.77
C GLU A 463 8.92 16.36 21.72
N LYS A 464 9.31 15.34 20.97
CA LYS A 464 10.71 14.96 20.84
C LYS A 464 11.31 15.54 19.56
N VAL A 465 12.58 15.91 19.64
CA VAL A 465 13.35 16.40 18.49
C VAL A 465 14.50 15.42 18.32
N GLY A 466 14.31 14.43 17.46
CA GLY A 466 15.32 13.41 17.25
C GLY A 466 14.76 12.01 17.37
N GLU A 467 15.45 11.14 18.08
CA GLU A 467 14.99 9.78 18.29
C GLU A 467 14.38 9.63 19.67
N ALA A 468 13.52 8.61 19.81
CA ALA A 468 12.81 8.40 21.06
C ALA A 468 13.71 7.87 22.17
N THR A 469 14.73 7.07 21.80
CA THR A 469 15.62 6.52 22.82
C THR A 469 16.47 7.61 23.46
N GLU A 470 16.94 8.57 22.67
CA GLU A 470 17.76 9.64 23.22
C GLU A 470 16.93 10.72 23.89
N THR A 471 15.70 10.94 23.40
CA THR A 471 14.82 11.91 24.06
C THR A 471 14.37 11.41 25.43
N ALA A 472 14.19 10.11 25.58
CA ALA A 472 13.87 9.55 26.88
C ALA A 472 14.97 9.83 27.90
N LEU A 473 16.21 9.93 27.43
CA LEU A 473 17.32 10.23 28.33
C LEU A 473 17.38 11.73 28.62
N THR A 474 16.91 12.56 27.69
CA THR A 474 16.84 13.99 27.94
C THR A 474 15.78 14.31 28.98
N CYS A 475 14.60 13.68 28.86
CA CYS A 475 13.56 13.86 29.86
C CYS A 475 13.98 13.32 31.22
N LEU A 476 14.83 12.29 31.22
CA LEU A 476 15.30 11.71 32.48
C LEU A 476 16.20 12.70 33.23
N VAL A 477 17.15 13.31 32.52
CA VAL A 477 18.08 14.24 33.16
C VAL A 477 17.31 15.40 33.80
N GLU A 478 16.17 15.77 33.21
CA GLU A 478 15.38 16.85 33.78
C GLU A 478 14.69 16.43 35.07
N LYS A 479 14.26 15.17 35.16
CA LYS A 479 13.57 14.71 36.36
C LYS A 479 14.53 14.57 37.54
N MET A 480 15.76 14.14 37.28
CA MET A 480 16.77 14.02 38.32
C MET A 480 17.69 15.23 38.25
N ASN A 481 17.49 16.18 39.17
CA ASN A 481 18.33 17.38 39.25
C ASN A 481 19.62 17.01 39.98
N VAL A 482 20.53 16.38 39.24
CA VAL A 482 21.81 15.99 39.82
C VAL A 482 22.57 17.22 40.30
N PHE A 483 22.39 18.34 39.60
CA PHE A 483 22.84 19.65 40.08
C PHE A 483 21.61 20.45 40.42
N ASP A 484 21.37 20.67 41.71
CA ASP A 484 20.12 21.28 42.17
C ASP A 484 19.92 22.64 41.52
N THR A 485 18.89 22.75 40.69
CA THR A 485 18.59 23.96 39.96
C THR A 485 17.17 24.39 40.28
N GLU A 486 16.99 25.66 40.65
CA GLU A 486 15.68 26.15 41.04
C GLU A 486 14.77 26.21 39.82
N LEU A 487 13.59 25.60 39.94
CA LEU A 487 12.64 25.47 38.84
C LEU A 487 11.31 26.12 39.20
N LYS A 488 11.36 27.37 39.66
CA LYS A 488 10.14 28.08 40.04
C LYS A 488 9.62 28.96 38.90
N GLY A 489 10.43 29.92 38.46
CA GLY A 489 10.00 30.88 37.46
C GLY A 489 10.12 30.40 36.03
N LEU A 490 10.72 29.24 35.81
CA LEU A 490 10.96 28.78 34.45
C LEU A 490 9.66 28.44 33.74
N SER A 491 9.53 28.90 32.50
CA SER A 491 8.35 28.64 31.70
C SER A 491 8.33 27.18 31.25
N LYS A 492 7.21 26.78 30.65
CA LYS A 492 7.10 25.44 30.10
C LYS A 492 8.14 25.20 29.01
N ILE A 493 8.49 26.25 28.27
CA ILE A 493 9.49 26.12 27.21
C ILE A 493 10.87 25.91 27.81
N GLU A 494 11.27 26.80 28.73
CA GLU A 494 12.61 26.70 29.33
C GLU A 494 12.74 25.50 30.25
N ARG A 495 11.62 24.87 30.64
CA ARG A 495 11.68 23.70 31.50
C ARG A 495 11.98 22.43 30.72
N ALA A 496 11.94 22.49 29.39
CA ALA A 496 12.20 21.29 28.59
C ALA A 496 13.65 20.88 28.66
N ASN A 497 14.57 21.85 28.54
CA ASN A 497 16.00 21.58 28.53
C ASN A 497 16.73 22.39 29.61
N ALA A 498 16.11 22.57 30.77
CA ALA A 498 16.72 23.36 31.83
C ALA A 498 17.88 22.63 32.47
N CYS A 499 17.64 21.39 32.93
CA CYS A 499 18.70 20.64 33.58
C CYS A 499 19.75 20.13 32.60
N ASN A 500 19.39 20.00 31.32
CA ASN A 500 20.39 19.62 30.32
C ASN A 500 21.36 20.76 30.05
N SER A 501 20.89 22.01 30.19
CA SER A 501 21.72 23.16 29.87
C SER A 501 22.84 23.33 30.88
N VAL A 502 22.53 23.15 32.17
CA VAL A 502 23.55 23.34 33.20
C VAL A 502 24.61 22.25 33.14
N ILE A 503 24.29 21.08 32.58
CA ILE A 503 25.30 20.04 32.41
C ILE A 503 26.17 20.34 31.20
N LYS A 504 25.56 20.80 30.11
CA LYS A 504 26.33 21.12 28.91
C LYS A 504 27.22 22.34 29.10
N GLN A 505 26.89 23.22 30.05
CA GLN A 505 27.75 24.36 30.34
C GLN A 505 29.01 23.95 31.10
N LEU A 506 29.03 22.74 31.68
CA LEU A 506 30.20 22.28 32.41
C LEU A 506 31.25 21.72 31.48
N MET A 507 30.89 20.73 30.68
CA MET A 507 31.82 20.06 29.77
C MET A 507 31.54 20.47 28.33
N LYS A 508 32.59 20.78 27.60
CA LYS A 508 32.51 21.16 26.19
C LYS A 508 32.68 19.91 25.32
N LYS A 509 31.70 19.64 24.48
CA LYS A 509 31.74 18.48 23.59
C LYS A 509 32.67 18.78 22.42
N GLU A 510 33.79 18.06 22.35
CA GLU A 510 34.75 18.30 21.29
C GLU A 510 34.28 17.70 19.97
N PHE A 511 33.99 16.40 19.96
CA PHE A 511 33.47 15.75 18.77
C PHE A 511 32.62 14.56 19.18
N THR A 512 31.91 13.99 18.20
CA THR A 512 31.00 12.89 18.43
C THR A 512 31.34 11.75 17.49
N LEU A 513 31.48 10.55 18.02
CA LEU A 513 31.55 9.34 17.21
C LEU A 513 30.13 8.80 17.06
N GLU A 514 29.49 9.12 15.94
CA GLU A 514 28.06 8.88 15.76
C GLU A 514 27.72 7.41 15.94
N PHE A 515 26.44 7.15 16.20
CA PHE A 515 25.98 5.80 16.51
C PHE A 515 25.92 4.97 15.22
N SER A 516 26.69 3.90 15.19
CA SER A 516 26.68 2.93 14.11
C SER A 516 26.12 1.61 14.62
N ARG A 517 25.39 0.90 13.75
CA ARG A 517 24.71 -0.31 14.18
C ARG A 517 25.60 -1.55 14.13
N ASP A 518 26.73 -1.49 13.42
CA ASP A 518 27.69 -2.57 13.52
C ASP A 518 28.39 -2.57 14.88
N ARG A 519 28.39 -1.44 15.56
CA ARG A 519 28.98 -1.29 16.88
C ARG A 519 27.95 -1.16 17.99
N LYS A 520 26.76 -0.64 17.68
CA LYS A 520 25.65 -0.53 18.63
C LYS A 520 26.01 0.32 19.83
N SER A 521 26.76 1.40 19.59
CA SER A 521 27.07 2.34 20.65
C SER A 521 27.39 3.70 20.02
N MET A 522 27.65 4.67 20.88
CA MET A 522 27.89 6.04 20.46
C MET A 522 28.75 6.72 21.52
N SER A 523 29.80 7.41 21.07
CA SER A 523 30.73 8.08 21.98
C SER A 523 30.70 9.58 21.74
N VAL A 524 31.12 10.31 22.76
CA VAL A 524 31.19 11.77 22.73
C VAL A 524 32.42 12.20 23.53
N TYR A 525 33.28 12.99 22.92
CA TYR A 525 34.49 13.48 23.56
C TYR A 525 34.22 14.84 24.19
N CYS A 526 34.42 14.95 25.50
CA CYS A 526 34.13 16.16 26.24
C CYS A 526 35.34 16.62 27.03
N THR A 527 35.42 17.93 27.23
CA THR A 527 36.43 18.57 28.07
C THR A 527 35.75 19.58 28.98
N PRO A 528 36.02 19.57 30.28
CA PRO A 528 35.35 20.51 31.18
C PRO A 528 35.76 21.95 30.90
N ASN A 529 34.83 22.87 31.11
CA ASN A 529 35.08 24.27 30.77
C ASN A 529 36.00 24.94 31.77
N LYS A 530 35.79 24.71 33.05
CA LYS A 530 36.63 25.32 34.07
C LYS A 530 38.04 24.75 33.98
N PRO A 531 39.07 25.60 33.88
CA PRO A 531 40.42 25.10 33.57
C PRO A 531 41.22 24.69 34.79
N SER A 532 40.73 23.70 35.53
CA SER A 532 41.49 23.12 36.63
C SER A 532 42.23 21.84 36.25
N ARG A 533 42.04 21.36 35.02
CA ARG A 533 42.70 20.15 34.52
C ARG A 533 42.40 18.95 35.42
N THR A 534 41.20 18.92 35.98
CA THR A 534 40.73 17.76 36.73
C THR A 534 39.90 16.88 35.80
N SER A 535 40.42 15.68 35.51
CA SER A 535 39.87 14.83 34.46
C SER A 535 39.84 15.58 33.12
N MET A 536 41.03 15.78 32.56
CA MET A 536 41.26 16.69 31.42
C MET A 536 40.25 16.38 30.32
N SER A 537 40.03 15.12 29.95
CA SER A 537 39.08 14.78 28.90
C SER A 537 38.55 13.38 29.12
N LYS A 538 37.30 13.18 28.71
CA LYS A 538 36.62 11.91 28.87
C LYS A 538 35.75 11.63 27.65
N MET A 539 35.50 10.34 27.42
CA MET A 539 34.55 9.91 26.41
C MET A 539 33.36 9.24 27.09
N PHE A 540 32.17 9.73 26.79
CA PHE A 540 30.94 9.23 27.39
C PHE A 540 30.26 8.32 26.39
N VAL A 541 30.12 7.04 26.75
CA VAL A 541 29.64 6.01 25.85
C VAL A 541 28.26 5.56 26.30
N LYS A 542 27.38 5.32 25.34
CA LYS A 542 26.09 4.69 25.59
C LYS A 542 25.76 3.79 24.41
N GLY A 543 25.10 2.68 24.68
CA GLY A 543 24.78 1.75 23.63
C GLY A 543 24.14 0.49 24.16
N ALA A 544 24.24 -0.57 23.37
CA ALA A 544 23.66 -1.84 23.76
C ALA A 544 24.33 -2.37 25.02
N PRO A 545 23.55 -2.88 25.98
CA PRO A 545 24.13 -3.31 27.26
C PRO A 545 25.15 -4.42 27.12
N GLU A 546 24.89 -5.40 26.26
CA GLU A 546 25.83 -6.52 26.14
C GLU A 546 27.12 -6.09 25.45
N GLY A 547 27.03 -5.17 24.49
CA GLY A 547 28.21 -4.75 23.75
C GLY A 547 29.08 -3.75 24.48
N VAL A 548 28.47 -2.86 25.26
CA VAL A 548 29.23 -1.85 26.01
C VAL A 548 29.86 -2.45 27.25
N ILE A 549 29.16 -3.36 27.93
CA ILE A 549 29.73 -4.00 29.11
C ILE A 549 30.87 -4.93 28.72
N ASP A 550 30.78 -5.55 27.55
CA ASP A 550 31.87 -6.39 27.05
C ASP A 550 33.15 -5.60 26.81
N ARG A 551 33.08 -4.28 26.69
CA ARG A 551 34.24 -3.43 26.46
C ARG A 551 34.63 -2.62 27.69
N CYS A 552 33.96 -2.82 28.81
CA CYS A 552 34.29 -2.13 30.05
C CYS A 552 35.25 -2.99 30.87
N THR A 553 36.41 -2.43 31.21
CA THR A 553 37.41 -3.12 32.02
C THR A 553 37.35 -2.75 33.49
N HIS A 554 36.63 -1.69 33.85
CA HIS A 554 36.48 -1.29 35.24
C HIS A 554 35.01 -0.96 35.49
N ILE A 555 34.70 -0.67 36.75
CA ILE A 555 33.36 -0.25 37.14
C ILE A 555 33.48 0.93 38.09
N ARG A 556 32.44 1.78 38.09
CA ARG A 556 32.43 3.01 38.88
C ARG A 556 31.49 2.81 40.07
N VAL A 557 32.06 2.82 41.27
CA VAL A 557 31.28 2.79 42.51
C VAL A 557 31.36 4.17 43.15
N GLY A 558 30.28 4.93 43.04
CA GLY A 558 30.29 6.30 43.51
C GLY A 558 31.23 7.17 42.70
N SER A 559 32.34 7.58 43.32
CA SER A 559 33.38 8.34 42.63
C SER A 559 34.65 7.54 42.44
N THR A 560 34.69 6.30 42.92
CA THR A 560 35.87 5.44 42.81
C THR A 560 35.64 4.40 41.73
N LYS A 561 36.71 4.05 41.01
CA LYS A 561 36.65 3.03 39.98
C LYS A 561 37.36 1.77 40.45
N VAL A 562 36.78 0.62 40.14
CA VAL A 562 37.27 -0.67 40.59
C VAL A 562 37.38 -1.60 39.38
N PRO A 563 38.44 -2.39 39.27
CA PRO A 563 38.56 -3.33 38.14
C PRO A 563 37.38 -4.29 38.10
N MET A 564 36.79 -4.44 36.92
CA MET A 564 35.62 -5.28 36.75
C MET A 564 36.01 -6.75 36.75
N THR A 565 35.16 -7.58 37.36
CA THR A 565 35.34 -9.02 37.39
C THR A 565 34.21 -9.69 36.64
N SER A 566 34.24 -11.03 36.61
CA SER A 566 33.21 -11.78 35.90
C SER A 566 31.96 -11.97 36.74
N GLY A 567 32.09 -11.98 38.07
CA GLY A 567 30.91 -12.09 38.91
C GLY A 567 30.09 -10.83 38.94
N VAL A 568 30.76 -9.67 38.86
CA VAL A 568 30.03 -8.40 38.79
C VAL A 568 29.34 -8.26 37.45
N LYS A 569 30.04 -8.63 36.37
CA LYS A 569 29.43 -8.59 35.05
C LYS A 569 28.23 -9.50 34.95
N GLN A 570 28.28 -10.64 35.66
CA GLN A 570 27.19 -11.61 35.58
C GLN A 570 25.93 -11.10 36.29
N LYS A 571 26.13 -10.38 37.40
CA LYS A 571 24.97 -9.84 38.12
C LYS A 571 24.38 -8.65 37.38
N ILE A 572 25.22 -7.84 36.74
CA ILE A 572 24.73 -6.67 36.01
C ILE A 572 23.87 -7.11 34.83
N MET A 573 24.32 -8.14 34.10
CA MET A 573 23.53 -8.64 32.98
C MET A 573 22.26 -9.33 33.45
N SER A 574 22.27 -9.87 34.68
CA SER A 574 21.08 -10.56 35.19
C SER A 574 19.91 -9.60 35.38
N VAL A 575 20.20 -8.37 35.82
CA VAL A 575 19.14 -7.39 36.02
C VAL A 575 18.65 -6.86 34.68
N ILE A 576 19.56 -6.72 33.72
CA ILE A 576 19.16 -6.29 32.38
C ILE A 576 18.26 -7.34 31.73
N ARG A 577 18.59 -8.62 31.92
CA ARG A 577 17.74 -9.67 31.38
C ARG A 577 16.41 -9.75 32.12
N GLU A 578 16.41 -9.44 33.41
CA GLU A 578 15.16 -9.42 34.17
C GLU A 578 14.28 -8.25 33.74
N TRP A 579 14.90 -7.13 33.36
CA TRP A 579 14.12 -5.98 32.90
C TRP A 579 13.48 -6.25 31.55
N GLY A 580 14.23 -6.84 30.62
CA GLY A 580 13.68 -7.11 29.30
C GLY A 580 12.55 -8.12 29.35
N SER A 581 12.77 -9.26 29.99
CA SER A 581 11.77 -10.31 30.10
C SER A 581 10.78 -10.06 31.22
N GLY A 582 10.77 -8.86 31.80
CA GLY A 582 9.89 -8.55 32.90
C GLY A 582 8.46 -8.34 32.47
N SER A 583 7.68 -7.72 33.36
CA SER A 583 6.28 -7.49 33.07
C SER A 583 6.09 -6.35 32.07
N ASP A 584 6.88 -5.29 32.20
CA ASP A 584 6.73 -4.10 31.36
C ASP A 584 7.70 -4.07 30.19
N THR A 585 8.55 -5.08 30.04
CA THR A 585 9.40 -5.26 28.86
C THR A 585 10.27 -4.02 28.61
N LEU A 586 11.18 -3.80 29.54
CA LEU A 586 12.02 -2.61 29.50
C LEU A 586 13.08 -2.73 28.41
N ARG A 587 13.23 -1.66 27.63
CA ARG A 587 14.29 -1.54 26.63
C ARG A 587 15.49 -0.89 27.30
N CYS A 588 16.60 -1.61 27.37
CA CYS A 588 17.71 -1.23 28.23
C CYS A 588 18.83 -0.58 27.43
N LEU A 589 19.68 0.16 28.15
CA LEU A 589 20.78 0.89 27.54
C LEU A 589 21.86 1.08 28.60
N ALA A 590 23.10 0.72 28.26
CA ALA A 590 24.22 0.82 29.19
C ALA A 590 24.98 2.12 28.97
N LEU A 591 25.39 2.74 30.07
CA LEU A 591 26.09 4.01 30.06
C LEU A 591 27.47 3.82 30.67
N ALA A 592 28.50 4.18 29.92
CA ALA A 592 29.88 4.02 30.38
C ALA A 592 30.68 5.26 30.01
N THR A 593 31.84 5.40 30.64
CA THR A 593 32.75 6.50 30.36
C THR A 593 34.18 5.96 30.24
N HIS A 594 35.01 6.69 29.50
CA HIS A 594 36.40 6.32 29.29
C HIS A 594 37.27 7.38 29.95
N ASP A 595 38.08 6.96 30.94
CA ASP A 595 38.82 7.93 31.74
C ASP A 595 40.08 8.41 31.01
N ASN A 596 40.71 7.55 30.22
CA ASN A 596 41.97 7.87 29.55
C ASN A 596 41.80 7.68 28.05
N PRO A 597 41.21 8.65 27.36
CA PRO A 597 41.04 8.55 25.92
C PRO A 597 42.21 9.17 25.16
N LEU A 598 42.37 8.74 23.91
CA LEU A 598 43.39 9.28 23.05
C LEU A 598 43.02 10.70 22.62
N ARG A 599 44.01 11.42 22.10
CA ARG A 599 43.76 12.76 21.61
C ARG A 599 43.05 12.69 20.25
N ARG A 600 42.53 13.84 19.82
CA ARG A 600 41.82 13.89 18.55
C ARG A 600 42.75 13.61 17.38
N GLU A 601 43.99 14.09 17.45
CA GLU A 601 44.93 13.87 16.36
C GLU A 601 45.36 12.41 16.30
N GLU A 602 45.39 11.72 17.43
CA GLU A 602 45.77 10.32 17.43
C GLU A 602 44.65 9.45 16.88
N MET A 603 43.41 9.86 17.09
CA MET A 603 42.28 9.09 16.58
C MET A 603 42.09 9.36 15.09
N HIS A 604 41.96 8.29 14.32
CA HIS A 604 41.73 8.37 12.88
C HIS A 604 40.26 8.09 12.61
N LEU A 605 39.48 9.15 12.39
CA LEU A 605 38.04 9.05 12.22
C LEU A 605 37.62 9.01 10.76
N GLU A 606 38.43 8.41 9.89
CA GLU A 606 38.12 8.34 8.47
C GLU A 606 37.13 7.21 8.19
N ASP A 607 36.76 6.45 9.21
CA ASP A 607 35.84 5.34 9.04
C ASP A 607 35.19 5.02 10.38
N SER A 608 34.12 4.22 10.32
CA SER A 608 33.41 3.80 11.51
C SER A 608 33.96 2.52 12.11
N ALA A 609 34.76 1.76 11.36
CA ALA A 609 35.32 0.53 11.91
C ALA A 609 36.33 0.82 13.00
N ASN A 610 37.04 1.95 12.91
CA ASN A 610 38.00 2.32 13.93
C ASN A 610 37.33 2.94 15.17
N PHE A 611 36.02 3.18 15.12
CA PHE A 611 35.35 3.80 16.26
C PHE A 611 35.28 2.85 17.45
N ILE A 612 35.11 1.56 17.18
CA ILE A 612 35.02 0.57 18.27
C ILE A 612 36.39 0.40 18.93
N LYS A 613 37.46 0.69 18.19
CA LYS A 613 38.80 0.58 18.78
C LYS A 613 39.01 1.62 19.86
N TYR A 614 38.32 2.75 19.78
CA TYR A 614 38.48 3.80 20.78
C TYR A 614 37.54 3.60 21.96
N GLU A 615 36.42 2.89 21.74
CA GLU A 615 35.45 2.64 22.81
C GLU A 615 35.80 1.35 23.53
N THR A 616 37.05 1.30 24.01
CA THR A 616 37.55 0.18 24.77
C THR A 616 38.16 0.70 26.07
N ASN A 617 38.32 -0.22 27.03
CA ASN A 617 38.86 0.10 28.35
C ASN A 617 37.96 1.11 29.07
N LEU A 618 36.65 0.90 28.98
CA LEU A 618 35.70 1.81 29.60
C LEU A 618 35.48 1.42 31.06
N THR A 619 34.75 2.28 31.78
CA THR A 619 34.31 2.01 33.14
C THR A 619 32.80 2.06 33.17
N PHE A 620 32.17 0.98 33.63
CA PHE A 620 30.73 0.90 33.65
C PHE A 620 30.15 1.83 34.71
N VAL A 621 29.09 2.57 34.34
CA VAL A 621 28.46 3.49 35.26
C VAL A 621 27.11 2.94 35.69
N GLY A 622 26.22 2.72 34.72
CA GLY A 622 24.89 2.21 35.03
C GLY A 622 24.11 1.92 33.78
N CYS A 623 22.92 1.37 33.97
CA CYS A 623 21.99 1.07 32.89
C CYS A 623 20.67 1.77 33.15
N VAL A 624 20.01 2.20 32.08
CA VAL A 624 18.68 2.78 32.15
C VAL A 624 17.73 1.83 31.42
N GLY A 625 16.50 1.73 31.91
CA GLY A 625 15.48 0.91 31.29
C GLY A 625 14.23 1.73 31.02
N MET A 626 13.86 1.82 29.76
CA MET A 626 12.72 2.61 29.33
C MET A 626 11.63 1.71 28.76
N LEU A 627 10.38 2.09 28.98
CA LEU A 627 9.24 1.30 28.55
C LEU A 627 8.73 1.79 27.21
N ASP A 628 8.49 0.87 26.29
CA ASP A 628 7.94 1.18 24.98
C ASP A 628 6.68 0.36 24.78
N PRO A 629 5.49 0.92 24.99
CA PRO A 629 4.27 0.13 24.95
C PRO A 629 3.93 -0.28 23.53
N PRO A 630 3.48 -1.52 23.32
CA PRO A 630 3.00 -1.92 22.00
C PRO A 630 1.71 -1.20 21.65
N ARG A 631 1.46 -1.06 20.35
CA ARG A 631 0.24 -0.41 19.90
C ARG A 631 -0.97 -1.27 20.23
N ILE A 632 -2.09 -0.60 20.52
CA ILE A 632 -3.28 -1.31 21.00
C ILE A 632 -3.87 -2.17 19.89
N GLU A 633 -3.72 -1.75 18.64
CA GLU A 633 -4.31 -2.47 17.51
C GLU A 633 -3.39 -3.55 16.95
N VAL A 634 -2.21 -3.77 17.54
CA VAL A 634 -1.29 -4.75 17.01
C VAL A 634 -1.70 -6.16 17.41
N ALA A 635 -2.18 -6.32 18.64
CA ALA A 635 -2.52 -7.66 19.14
C ALA A 635 -3.67 -8.27 18.34
N SER A 636 -4.64 -7.45 17.92
CA SER A 636 -5.76 -7.97 17.13
C SER A 636 -5.35 -8.17 15.68
N SER A 637 -4.41 -7.36 15.19
CA SER A 637 -3.98 -7.49 13.80
C SER A 637 -3.19 -8.77 13.59
N VAL A 638 -2.33 -9.13 14.54
CA VAL A 638 -1.63 -10.41 14.46
C VAL A 638 -2.63 -11.57 14.52
N LYS A 639 -3.71 -11.38 15.28
CA LYS A 639 -4.72 -12.42 15.39
C LYS A 639 -5.46 -12.63 14.08
N LEU A 640 -5.69 -11.54 13.33
CA LEU A 640 -6.40 -11.66 12.06
C LEU A 640 -5.47 -12.11 10.95
N CYS A 641 -4.19 -11.74 11.03
CA CYS A 641 -3.22 -12.17 10.02
C CYS A 641 -3.01 -13.68 10.08
N ARG A 642 -2.85 -14.23 11.28
CA ARG A 642 -2.71 -15.68 11.42
C ARG A 642 -3.96 -16.40 10.95
N GLN A 643 -5.12 -15.75 11.07
CA GLN A 643 -6.37 -16.36 10.62
C GLN A 643 -6.42 -16.45 9.10
N ALA A 644 -5.78 -15.51 8.41
CA ALA A 644 -5.72 -15.50 6.96
C ALA A 644 -4.52 -16.25 6.40
N GLY A 645 -3.77 -16.95 7.25
CA GLY A 645 -2.62 -17.69 6.80
C GLY A 645 -1.33 -16.90 6.68
N ILE A 646 -1.33 -15.66 7.13
CA ILE A 646 -0.15 -14.80 7.05
C ILE A 646 0.67 -14.96 8.31
N ARG A 647 1.99 -15.00 8.15
CA ARG A 647 2.93 -15.13 9.25
C ARG A 647 3.55 -13.77 9.54
N VAL A 648 3.64 -13.42 10.82
CA VAL A 648 4.23 -12.15 11.25
C VAL A 648 5.56 -12.47 11.92
N ILE A 649 6.64 -11.91 11.38
CA ILE A 649 7.98 -12.08 11.91
C ILE A 649 8.48 -10.72 12.39
N MET A 650 9.05 -10.70 13.59
CA MET A 650 9.61 -9.48 14.15
C MET A 650 11.11 -9.44 13.87
N ILE A 651 11.54 -8.42 13.14
CA ILE A 651 12.95 -8.20 12.81
C ILE A 651 13.38 -6.92 13.52
N THR A 652 14.14 -7.08 14.60
CA THR A 652 14.50 -5.94 15.43
C THR A 652 15.98 -5.96 15.73
N GLY A 653 16.56 -4.77 15.92
CA GLY A 653 17.91 -4.64 16.40
C GLY A 653 18.04 -4.64 17.90
N ASP A 654 16.92 -4.74 18.62
CA ASP A 654 16.90 -4.67 20.07
C ASP A 654 17.33 -6.01 20.66
N ASN A 655 17.27 -6.11 21.98
CA ASN A 655 17.71 -7.32 22.67
C ASN A 655 16.77 -8.48 22.38
N LYS A 656 17.31 -9.70 22.52
CA LYS A 656 16.50 -10.89 22.26
C LYS A 656 15.47 -11.10 23.36
N GLY A 657 15.84 -10.87 24.61
CA GLY A 657 14.89 -11.02 25.70
C GLY A 657 13.77 -10.01 25.64
N THR A 658 14.07 -8.80 25.18
CA THR A 658 13.05 -7.78 25.05
C THR A 658 12.11 -8.09 23.89
N ALA A 659 12.67 -8.55 22.76
CA ALA A 659 11.85 -8.84 21.59
C ALA A 659 10.93 -10.02 21.84
N VAL A 660 11.43 -11.06 22.50
CA VAL A 660 10.58 -12.21 22.84
C VAL A 660 9.46 -11.79 23.78
N ALA A 661 9.75 -10.88 24.70
CA ALA A 661 8.72 -10.41 25.63
C ALA A 661 7.65 -9.61 24.91
N ILE A 662 8.04 -8.81 23.91
CA ILE A 662 7.06 -8.08 23.11
C ILE A 662 6.23 -9.06 22.28
N CYS A 663 6.89 -10.09 21.73
CA CYS A 663 6.17 -11.07 20.93
C CYS A 663 5.09 -11.78 21.75
N ARG A 664 5.40 -12.13 23.00
CA ARG A 664 4.41 -12.76 23.86
C ARG A 664 3.30 -11.78 24.24
N ARG A 665 3.61 -10.48 24.23
CA ARG A 665 2.60 -9.49 24.57
C ARG A 665 1.66 -9.23 23.41
N ILE A 666 2.20 -9.12 22.18
CA ILE A 666 1.38 -8.83 21.01
C ILE A 666 0.82 -10.10 20.38
N GLY A 667 1.20 -11.28 20.86
CA GLY A 667 0.58 -12.51 20.42
C GLY A 667 1.36 -13.31 19.40
N ILE A 668 2.59 -12.93 19.08
CA ILE A 668 3.40 -13.72 18.15
C ILE A 668 3.68 -15.09 18.75
N PHE A 669 4.03 -15.13 20.03
CA PHE A 669 4.20 -16.36 20.77
C PHE A 669 3.16 -16.43 21.88
N GLY A 670 3.07 -17.61 22.51
CA GLY A 670 2.28 -17.74 23.71
C GLY A 670 3.06 -17.33 24.94
N GLN A 671 2.35 -17.14 26.04
CA GLN A 671 3.00 -16.78 27.30
C GLN A 671 3.86 -17.92 27.81
N ASP A 672 3.51 -19.16 27.46
CA ASP A 672 4.27 -20.34 27.88
C ASP A 672 4.90 -21.08 26.71
N GLU A 673 4.81 -20.54 25.50
CA GLU A 673 5.34 -21.24 24.34
C GLU A 673 6.86 -21.27 24.36
N ASP A 674 7.43 -22.39 23.96
CA ASP A 674 8.88 -22.52 23.83
C ASP A 674 9.34 -21.87 22.52
N VAL A 675 10.30 -20.96 22.63
CA VAL A 675 10.76 -20.18 21.48
C VAL A 675 12.22 -20.50 21.20
N THR A 676 12.65 -21.73 21.48
CA THR A 676 14.05 -22.10 21.30
C THR A 676 14.49 -21.98 19.85
N SER A 677 13.77 -22.63 18.94
CA SER A 677 14.09 -22.58 17.52
C SER A 677 13.23 -21.59 16.75
N LYS A 678 12.48 -20.74 17.45
CA LYS A 678 11.68 -19.71 16.80
C LYS A 678 12.20 -18.30 17.04
N ALA A 679 13.14 -18.11 17.95
CA ALA A 679 13.74 -16.81 18.21
C ALA A 679 15.24 -16.90 17.99
N PHE A 680 15.76 -16.05 17.11
CA PHE A 680 17.18 -16.05 16.77
C PHE A 680 17.73 -14.64 16.90
N THR A 681 19.04 -14.57 17.09
CA THR A 681 19.77 -13.32 17.04
C THR A 681 20.49 -13.21 15.70
N GLY A 682 21.19 -12.08 15.52
CA GLY A 682 21.91 -11.86 14.27
C GLY A 682 23.05 -12.85 14.08
N ARG A 683 23.87 -13.04 15.13
CA ARG A 683 25.01 -13.93 15.00
C ARG A 683 24.59 -15.39 15.03
N GLU A 684 23.57 -15.71 15.83
CA GLU A 684 23.08 -17.09 15.88
C GLU A 684 22.55 -17.54 14.53
N PHE A 685 21.94 -16.62 13.77
CA PHE A 685 21.47 -16.95 12.44
C PHE A 685 22.64 -17.10 11.47
N ASP A 686 23.71 -16.34 11.69
CA ASP A 686 24.87 -16.43 10.81
C ASP A 686 25.60 -17.76 11.00
N GLU A 687 25.76 -18.19 12.24
CA GLU A 687 26.44 -19.46 12.53
C GLU A 687 25.46 -20.63 12.45
N LEU A 688 24.75 -20.68 11.32
CA LEU A 688 23.83 -21.77 11.03
C LEU A 688 24.14 -22.33 9.66
N ASN A 689 24.08 -23.65 9.54
CA ASN A 689 24.26 -24.28 8.25
C ASN A 689 23.04 -24.05 7.37
N PRO A 690 23.18 -24.18 6.05
CA PRO A 690 22.01 -24.01 5.18
C PRO A 690 20.85 -24.92 5.52
N SER A 691 21.11 -26.01 6.24
CA SER A 691 20.02 -26.87 6.67
C SER A 691 19.15 -26.19 7.72
N ALA A 692 19.77 -25.50 8.68
CA ALA A 692 19.00 -24.84 9.74
C ALA A 692 18.49 -23.49 9.28
N GLN A 693 19.27 -22.77 8.48
CA GLN A 693 18.78 -21.51 7.92
C GLN A 693 17.59 -21.76 7.00
N ARG A 694 17.48 -22.98 6.46
CA ARG A 694 16.29 -23.36 5.71
C ARG A 694 15.09 -23.50 6.63
N ASP A 695 15.27 -24.21 7.75
CA ASP A 695 14.20 -24.44 8.71
C ASP A 695 13.92 -23.23 9.59
N ALA A 696 14.78 -22.20 9.55
CA ALA A 696 14.57 -21.03 10.39
C ALA A 696 13.48 -20.14 9.83
N CYS A 697 13.63 -19.70 8.59
CA CYS A 697 12.72 -18.71 8.01
C CYS A 697 11.28 -19.20 8.01
N LEU A 698 11.06 -20.50 7.85
CA LEU A 698 9.70 -21.03 7.86
C LEU A 698 9.18 -21.20 9.28
N ASN A 699 10.06 -21.25 10.26
CA ASN A 699 9.65 -21.46 11.65
C ASN A 699 9.91 -20.28 12.55
N ALA A 700 11.01 -19.54 12.34
CA ALA A 700 11.34 -18.43 13.22
C ALA A 700 10.33 -17.30 13.06
N ARG A 701 9.88 -16.76 14.20
CA ARG A 701 8.96 -15.64 14.22
C ARG A 701 9.56 -14.40 14.86
N CYS A 702 10.80 -14.46 15.33
CA CYS A 702 11.44 -13.34 15.99
C CYS A 702 12.93 -13.34 15.67
N PHE A 703 13.40 -12.28 15.04
CA PHE A 703 14.82 -12.05 14.80
C PHE A 703 15.25 -10.80 15.55
N ALA A 704 16.22 -10.95 16.44
CA ALA A 704 16.70 -9.84 17.25
C ALA A 704 18.17 -9.61 17.00
N ARG A 705 18.64 -8.43 17.39
CA ARG A 705 20.06 -8.05 17.26
C ARG A 705 20.55 -8.21 15.82
N VAL A 706 19.76 -7.74 14.86
CA VAL A 706 20.10 -7.83 13.45
C VAL A 706 20.40 -6.43 12.92
N GLU A 707 21.49 -6.30 12.17
CA GLU A 707 21.86 -5.06 11.53
C GLU A 707 20.94 -4.79 10.35
N PRO A 708 20.95 -3.56 9.81
CA PRO A 708 20.17 -3.27 8.60
C PRO A 708 20.55 -4.17 7.42
N SER A 709 21.78 -4.66 7.41
CA SER A 709 22.21 -5.57 6.35
C SER A 709 21.61 -6.96 6.53
N HIS A 710 21.41 -7.38 7.78
CA HIS A 710 20.84 -8.69 8.03
C HIS A 710 19.34 -8.70 7.73
N LYS A 711 18.66 -7.58 7.94
CA LYS A 711 17.23 -7.51 7.67
C LYS A 711 16.93 -7.77 6.20
N SER A 712 17.79 -7.29 5.30
CA SER A 712 17.62 -7.61 3.89
C SER A 712 17.92 -9.09 3.62
N LYS A 713 18.86 -9.66 4.37
CA LYS A 713 19.19 -11.07 4.21
C LYS A 713 18.04 -11.96 4.69
N ILE A 714 17.34 -11.54 5.74
CA ILE A 714 16.18 -12.29 6.21
C ILE A 714 15.05 -12.20 5.20
N VAL A 715 14.84 -11.03 4.61
CA VAL A 715 13.74 -10.85 3.67
C VAL A 715 14.01 -11.58 2.37
N GLU A 716 15.26 -11.57 1.91
CA GLU A 716 15.59 -12.26 0.66
C GLU A 716 15.57 -13.77 0.85
N PHE A 717 15.82 -14.24 2.07
CA PHE A 717 15.71 -15.67 2.35
C PHE A 717 14.26 -16.13 2.26
N LEU A 718 13.34 -15.34 2.82
CA LEU A 718 11.93 -15.70 2.73
C LEU A 718 11.42 -15.62 1.30
N GLN A 719 12.00 -14.73 0.50
CA GLN A 719 11.61 -14.64 -0.91
C GLN A 719 12.18 -15.80 -1.72
N SER A 720 13.28 -16.39 -1.25
CA SER A 720 13.84 -17.56 -1.91
C SER A 720 12.89 -18.75 -1.86
N PHE A 721 11.97 -18.76 -0.90
CA PHE A 721 10.92 -19.77 -0.82
C PHE A 721 9.68 -19.38 -1.61
N ASP A 722 9.79 -18.37 -2.48
CA ASP A 722 8.67 -17.89 -3.28
C ASP A 722 7.50 -17.45 -2.41
N GLU A 723 7.82 -16.72 -1.34
CA GLU A 723 6.82 -16.16 -0.44
C GLU A 723 6.76 -14.65 -0.65
N ILE A 724 5.56 -14.12 -0.82
CA ILE A 724 5.38 -12.67 -0.89
C ILE A 724 5.59 -12.09 0.50
N THR A 725 6.54 -11.18 0.63
CA THR A 725 6.92 -10.61 1.90
C THR A 725 6.50 -9.14 1.94
N ALA A 726 5.91 -8.74 3.06
CA ALA A 726 5.48 -7.35 3.27
C ALA A 726 6.24 -6.82 4.49
N MET A 727 7.36 -6.14 4.23
CA MET A 727 8.18 -5.59 5.29
C MET A 727 7.58 -4.29 5.79
N THR A 728 7.51 -4.11 7.10
CA THR A 728 7.01 -2.90 7.72
C THR A 728 8.08 -2.32 8.63
N GLY A 729 8.31 -1.02 8.53
CA GLY A 729 9.35 -0.39 9.33
C GLY A 729 9.21 1.11 9.35
N ASP A 730 10.02 1.74 10.20
CA ASP A 730 9.99 3.19 10.35
C ASP A 730 11.35 3.87 10.29
N GLY A 731 12.45 3.17 10.56
CA GLY A 731 13.74 3.78 10.68
C GLY A 731 14.63 3.55 9.47
N VAL A 732 15.86 4.06 9.57
CA VAL A 732 16.83 3.90 8.49
C VAL A 732 17.44 2.51 8.50
N ASN A 733 17.31 1.75 9.61
CA ASN A 733 17.74 0.37 9.61
C ASN A 733 16.75 -0.56 8.90
N ASP A 734 15.64 -0.01 8.40
CA ASP A 734 14.65 -0.79 7.68
C ASP A 734 14.63 -0.49 6.19
N ALA A 735 15.27 0.58 5.74
CA ALA A 735 15.21 0.96 4.33
C ALA A 735 15.83 -0.09 3.41
N PRO A 736 16.97 -0.72 3.73
CA PRO A 736 17.44 -1.81 2.88
C PRO A 736 16.47 -2.98 2.80
N ALA A 737 15.75 -3.26 3.89
CA ALA A 737 14.77 -4.34 3.87
C ALA A 737 13.46 -3.90 3.23
N LEU A 738 13.11 -2.61 3.34
CA LEU A 738 11.90 -2.13 2.72
C LEU A 738 11.99 -2.17 1.20
N LYS A 739 13.18 -1.96 0.64
CA LYS A 739 13.38 -2.03 -0.80
C LYS A 739 13.44 -3.46 -1.32
N LYS A 740 13.62 -4.44 -0.44
CA LYS A 740 13.79 -5.83 -0.87
C LYS A 740 12.47 -6.60 -0.89
N ALA A 741 11.55 -6.28 0.01
CA ALA A 741 10.28 -6.97 0.05
C ALA A 741 9.41 -6.59 -1.15
N GLU A 742 8.44 -7.45 -1.46
CA GLU A 742 7.49 -7.14 -2.52
C GLU A 742 6.70 -5.88 -2.20
N ILE A 743 6.25 -5.75 -0.94
CA ILE A 743 5.58 -4.56 -0.46
C ILE A 743 6.39 -4.00 0.70
N GLY A 744 6.58 -2.69 0.71
CA GLY A 744 7.19 -2.02 1.84
C GLY A 744 6.23 -1.02 2.45
N ILE A 745 5.81 -1.25 3.68
CA ILE A 745 4.90 -0.35 4.38
C ILE A 745 5.70 0.46 5.39
N ALA A 746 5.53 1.77 5.38
CA ALA A 746 6.21 2.68 6.29
C ALA A 746 5.21 3.33 7.22
N MET A 747 5.65 3.61 8.44
CA MET A 747 4.81 4.33 9.39
C MET A 747 4.83 5.82 9.09
N GLY A 748 3.72 6.49 9.39
CA GLY A 748 3.61 7.91 9.10
C GLY A 748 4.52 8.76 9.96
N SER A 749 4.80 8.32 11.19
CA SER A 749 5.64 9.06 12.11
C SER A 749 7.11 8.68 12.02
N GLY A 750 7.46 7.73 11.16
CA GLY A 750 8.84 7.32 11.01
C GLY A 750 9.66 8.32 10.24
N THR A 751 10.87 7.90 9.89
CA THR A 751 11.78 8.75 9.16
C THR A 751 11.39 8.83 7.69
N ALA A 752 11.88 9.87 7.01
CA ALA A 752 11.61 10.04 5.59
C ALA A 752 12.38 9.05 4.73
N VAL A 753 13.50 8.51 5.23
CA VAL A 753 14.26 7.52 4.48
C VAL A 753 13.43 6.25 4.30
N ALA A 754 12.71 5.85 5.35
CA ALA A 754 11.89 4.65 5.25
C ALA A 754 10.66 4.88 4.37
N LYS A 755 10.11 6.09 4.38
CA LYS A 755 8.92 6.38 3.57
C LYS A 755 9.27 6.48 2.10
N THR A 756 10.50 6.86 1.77
CA THR A 756 10.94 6.92 0.38
C THR A 756 11.11 5.53 -0.20
N ALA A 757 11.63 4.59 0.60
CA ALA A 757 11.87 3.22 0.17
C ALA A 757 10.65 2.34 0.32
N SER A 758 9.45 2.91 0.40
CA SER A 758 8.24 2.15 0.66
C SER A 758 7.21 2.39 -0.42
N GLU A 759 6.30 1.44 -0.56
CA GLU A 759 5.19 1.53 -1.51
C GLU A 759 3.86 1.86 -0.84
N MET A 760 3.85 1.96 0.49
CA MET A 760 2.64 2.25 1.25
C MET A 760 3.05 2.95 2.54
N VAL A 761 2.26 3.96 2.94
CA VAL A 761 2.56 4.75 4.12
C VAL A 761 1.32 4.79 5.00
N LEU A 762 1.43 4.27 6.23
CA LEU A 762 0.37 4.38 7.23
C LEU A 762 0.41 5.78 7.82
N ALA A 763 -0.34 6.70 7.22
CA ALA A 763 -0.26 8.10 7.61
C ALA A 763 -0.66 8.32 9.06
N ASP A 764 -1.48 7.43 9.62
CA ASP A 764 -1.91 7.54 11.02
C ASP A 764 -1.32 6.47 11.91
N ASP A 765 -0.34 5.71 11.41
CA ASP A 765 0.36 4.68 12.19
C ASP A 765 -0.59 3.60 12.70
N ASN A 766 -1.64 3.29 11.94
CA ASN A 766 -2.61 2.28 12.33
C ASN A 766 -2.18 0.94 11.77
N PHE A 767 -1.83 0.01 12.65
CA PHE A 767 -1.39 -1.31 12.20
C PHE A 767 -2.54 -2.14 11.67
N SER A 768 -3.77 -1.83 12.08
CA SER A 768 -4.94 -2.55 11.56
C SER A 768 -5.14 -2.24 10.08
N THR A 769 -4.59 -1.13 9.60
CA THR A 769 -4.74 -0.77 8.20
C THR A 769 -4.04 -1.77 7.30
N ILE A 770 -2.98 -2.41 7.80
CA ILE A 770 -2.27 -3.41 6.99
C ILE A 770 -3.15 -4.64 6.77
N VAL A 771 -3.94 -5.00 7.78
CA VAL A 771 -4.84 -6.14 7.63
C VAL A 771 -6.03 -5.76 6.75
N ALA A 772 -6.38 -4.47 6.69
CA ALA A 772 -7.41 -4.02 5.77
C ALA A 772 -6.90 -3.96 4.34
N ALA A 773 -5.62 -3.66 4.15
CA ALA A 773 -5.05 -3.65 2.82
C ALA A 773 -4.96 -5.06 2.24
N VAL A 774 -4.78 -6.05 3.11
CA VAL A 774 -4.75 -7.45 2.66
C VAL A 774 -6.13 -7.86 2.16
N GLU A 775 -7.16 -7.51 2.91
CA GLU A 775 -8.53 -7.85 2.53
C GLU A 775 -8.95 -7.13 1.25
N GLU A 776 -8.43 -5.92 1.05
CA GLU A 776 -8.78 -5.17 -0.15
C GLU A 776 -8.14 -5.78 -1.39
N GLY A 777 -6.88 -6.19 -1.29
CA GLY A 777 -6.22 -6.84 -2.41
C GLY A 777 -6.78 -8.21 -2.72
N ARG A 778 -7.37 -8.88 -1.73
CA ARG A 778 -8.08 -10.13 -1.98
C ARG A 778 -9.44 -9.87 -2.62
N ALA A 779 -10.08 -8.77 -2.24
CA ALA A 779 -11.35 -8.40 -2.83
C ALA A 779 -11.18 -7.96 -4.27
N ILE A 780 -10.06 -7.32 -4.57
CA ILE A 780 -9.78 -6.89 -5.94
C ILE A 780 -9.72 -8.11 -6.86
N TYR A 781 -8.97 -9.12 -6.45
CA TYR A 781 -8.83 -10.33 -7.27
C TYR A 781 -10.15 -11.08 -7.36
N ASN A 782 -10.95 -11.04 -6.30
CA ASN A 782 -12.23 -11.72 -6.32
C ASN A 782 -13.21 -11.05 -7.26
N ASN A 783 -13.18 -9.72 -7.33
CA ASN A 783 -14.05 -8.99 -8.24
C ASN A 783 -13.63 -9.15 -9.69
N MET A 784 -12.39 -9.58 -9.95
CA MET A 784 -11.99 -9.91 -11.30
C MET A 784 -12.53 -11.26 -11.72
N LYS A 785 -12.46 -12.24 -10.82
CA LYS A 785 -12.93 -13.58 -11.13
C LYS A 785 -14.44 -13.62 -11.31
N GLN A 786 -15.16 -12.78 -10.56
CA GLN A 786 -16.60 -12.66 -10.76
C GLN A 786 -16.90 -11.98 -12.09
N PHE A 787 -16.04 -11.05 -12.50
CA PHE A 787 -16.18 -10.43 -13.81
C PHE A 787 -15.89 -11.43 -14.93
N ILE A 788 -14.78 -12.17 -14.80
CA ILE A 788 -14.44 -13.18 -15.80
C ILE A 788 -15.50 -14.26 -15.88
N ARG A 789 -16.06 -14.65 -14.73
CA ARG A 789 -17.08 -15.68 -14.72
C ARG A 789 -18.37 -15.21 -15.39
N TYR A 790 -18.71 -13.93 -15.25
CA TYR A 790 -19.96 -13.44 -15.82
C TYR A 790 -19.88 -13.33 -17.34
N LEU A 791 -18.80 -12.75 -17.85
CA LEU A 791 -18.73 -12.47 -19.29
C LEU A 791 -18.44 -13.74 -20.09
N ILE A 792 -17.62 -14.64 -19.55
CA ILE A 792 -17.33 -15.87 -20.29
C ILE A 792 -18.54 -16.78 -20.32
N SER A 793 -19.12 -17.07 -19.14
CA SER A 793 -20.27 -17.96 -19.09
C SER A 793 -21.47 -17.40 -19.82
N SER A 794 -21.56 -16.08 -19.99
CA SER A 794 -22.66 -15.47 -20.72
C SER A 794 -22.40 -15.37 -22.22
N ASN A 795 -21.18 -14.99 -22.61
CA ASN A 795 -20.89 -14.82 -24.03
C ASN A 795 -20.67 -16.16 -24.72
N VAL A 796 -20.32 -17.21 -23.97
CA VAL A 796 -20.32 -18.56 -24.55
C VAL A 796 -21.73 -18.95 -24.96
N GLY A 797 -22.72 -18.54 -24.18
CA GLY A 797 -24.10 -18.81 -24.55
C GLY A 797 -24.53 -18.08 -25.81
N GLU A 798 -23.97 -16.89 -26.04
CA GLU A 798 -24.23 -16.18 -27.30
C GLU A 798 -23.53 -16.83 -28.48
N VAL A 799 -22.44 -17.57 -28.24
CA VAL A 799 -21.79 -18.31 -29.31
C VAL A 799 -22.49 -19.63 -29.54
N VAL A 800 -22.91 -20.29 -28.46
CA VAL A 800 -23.62 -21.56 -28.59
C VAL A 800 -24.92 -21.38 -29.34
N CYS A 801 -25.59 -20.25 -29.13
CA CYS A 801 -26.87 -20.00 -29.78
C CYS A 801 -26.74 -19.98 -31.30
N ILE A 802 -25.65 -19.40 -31.81
CA ILE A 802 -25.48 -19.29 -33.25
C ILE A 802 -25.03 -20.61 -33.87
N PHE A 803 -24.27 -21.43 -33.13
CA PHE A 803 -23.83 -22.70 -33.66
C PHE A 803 -24.89 -23.79 -33.46
N LEU A 804 -25.65 -23.72 -32.36
CA LEU A 804 -26.71 -24.70 -32.14
C LEU A 804 -27.83 -24.51 -33.15
N THR A 805 -28.11 -23.25 -33.52
CA THR A 805 -29.13 -22.98 -34.53
C THR A 805 -28.68 -23.49 -35.90
N ALA A 806 -27.41 -23.33 -36.23
CA ALA A 806 -26.90 -23.81 -37.51
C ALA A 806 -26.81 -25.33 -37.55
N ALA A 807 -26.65 -25.97 -36.39
CA ALA A 807 -26.59 -27.43 -36.34
C ALA A 807 -27.97 -28.07 -36.44
N LEU A 808 -28.99 -27.42 -35.88
CA LEU A 808 -30.35 -27.93 -35.96
C LEU A 808 -31.04 -27.55 -37.26
N GLY A 809 -30.50 -26.59 -38.00
CA GLY A 809 -31.12 -26.16 -39.23
C GLY A 809 -32.23 -25.15 -39.06
N PHE A 810 -32.41 -24.61 -37.87
CA PHE A 810 -33.48 -23.65 -37.61
C PHE A 810 -33.15 -22.33 -38.29
N PRO A 811 -34.14 -21.44 -38.43
CA PRO A 811 -33.84 -20.07 -38.85
C PRO A 811 -32.98 -19.37 -37.80
N GLU A 812 -32.00 -18.61 -38.25
CA GLU A 812 -31.12 -17.92 -37.32
C GLU A 812 -31.92 -16.90 -36.51
N ALA A 813 -31.63 -16.84 -35.21
CA ALA A 813 -32.46 -16.10 -34.28
C ALA A 813 -31.99 -14.67 -34.04
N LEU A 814 -30.83 -14.29 -34.55
CA LEU A 814 -30.29 -12.96 -34.29
C LEU A 814 -29.66 -12.39 -35.55
N ILE A 815 -29.86 -11.09 -35.76
CA ILE A 815 -29.22 -10.36 -36.85
C ILE A 815 -28.11 -9.53 -36.24
N PRO A 816 -27.19 -8.97 -37.03
CA PRO A 816 -26.03 -8.27 -36.42
C PRO A 816 -26.40 -7.14 -35.48
N VAL A 817 -27.55 -6.49 -35.69
CA VAL A 817 -27.91 -5.37 -34.81
C VAL A 817 -28.47 -5.88 -33.48
N GLN A 818 -28.94 -7.12 -33.45
CA GLN A 818 -29.46 -7.68 -32.19
C GLN A 818 -28.34 -8.28 -31.36
N LEU A 819 -27.27 -8.73 -32.01
CA LEU A 819 -26.09 -9.17 -31.27
C LEU A 819 -25.37 -7.98 -30.65
N LEU A 820 -25.42 -6.83 -31.32
CA LEU A 820 -24.78 -5.64 -30.78
C LEU A 820 -25.62 -5.00 -29.69
N TRP A 821 -26.92 -5.30 -29.65
CA TRP A 821 -27.74 -4.81 -28.55
C TRP A 821 -27.54 -5.66 -27.30
N VAL A 822 -27.49 -6.98 -27.46
CA VAL A 822 -27.26 -7.85 -26.31
C VAL A 822 -25.86 -7.65 -25.76
N ASN A 823 -24.93 -7.15 -26.59
CA ASN A 823 -23.61 -6.81 -26.08
C ASN A 823 -23.65 -5.54 -25.26
N LEU A 824 -24.49 -4.58 -25.67
CA LEU A 824 -24.53 -3.29 -25.00
C LEU A 824 -25.13 -3.40 -23.59
N VAL A 825 -26.23 -4.15 -23.45
CA VAL A 825 -26.94 -4.18 -22.19
C VAL A 825 -26.45 -5.27 -21.24
N THR A 826 -25.65 -6.22 -21.72
CA THR A 826 -25.14 -7.28 -20.85
C THR A 826 -23.65 -7.18 -20.56
N ASP A 827 -22.86 -6.62 -21.48
CA ASP A 827 -21.42 -6.47 -21.27
C ASP A 827 -21.04 -5.08 -20.78
N GLY A 828 -21.99 -4.18 -20.60
CA GLY A 828 -21.68 -2.82 -20.24
C GLY A 828 -21.70 -2.56 -18.75
N LEU A 829 -22.65 -1.75 -18.30
CA LEU A 829 -22.71 -1.41 -16.88
C LEU A 829 -22.98 -2.61 -15.97
N PRO A 830 -23.83 -3.58 -16.31
CA PRO A 830 -23.97 -4.75 -15.42
C PRO A 830 -22.67 -5.50 -15.20
N ALA A 831 -21.76 -5.49 -16.17
CA ALA A 831 -20.48 -6.16 -16.00
C ALA A 831 -19.51 -5.33 -15.18
N THR A 832 -19.50 -4.01 -15.39
CA THR A 832 -18.64 -3.12 -14.62
C THR A 832 -19.07 -3.04 -13.16
N ALA A 833 -20.34 -3.30 -12.86
CA ALA A 833 -20.82 -3.26 -11.48
C ALA A 833 -20.30 -4.41 -10.65
N LEU A 834 -19.62 -5.39 -11.25
CA LEU A 834 -19.02 -6.47 -10.46
C LEU A 834 -17.81 -6.00 -9.68
N GLY A 835 -17.18 -4.89 -10.09
CA GLY A 835 -16.08 -4.34 -9.33
C GLY A 835 -16.47 -3.71 -8.01
N PHE A 836 -17.74 -3.34 -7.84
CA PHE A 836 -18.25 -2.82 -6.58
C PHE A 836 -18.83 -3.91 -5.70
N ASN A 837 -18.46 -5.17 -5.94
CA ASN A 837 -19.03 -6.27 -5.20
C ASN A 837 -18.58 -6.21 -3.74
N PRO A 838 -19.42 -6.65 -2.79
CA PRO A 838 -18.99 -6.68 -1.40
C PRO A 838 -18.02 -7.82 -1.16
N PRO A 839 -17.17 -7.72 -0.14
CA PRO A 839 -16.26 -8.82 0.15
C PRO A 839 -17.00 -10.07 0.60
N ASP A 840 -16.37 -11.22 0.40
CA ASP A 840 -16.93 -12.46 0.89
C ASP A 840 -16.83 -12.54 2.41
N LEU A 841 -17.67 -13.39 3.01
CA LEU A 841 -17.66 -13.50 4.46
C LEU A 841 -16.45 -14.29 4.94
N ASP A 842 -15.89 -15.14 4.09
CA ASP A 842 -14.68 -15.89 4.39
C ASP A 842 -13.49 -15.40 3.60
N ILE A 843 -13.48 -14.12 3.20
CA ILE A 843 -12.40 -13.59 2.39
C ILE A 843 -11.08 -13.61 3.16
N MET A 844 -11.16 -13.47 4.48
CA MET A 844 -9.97 -13.43 5.34
C MET A 844 -9.78 -14.70 6.15
N ASN A 845 -10.54 -15.75 5.85
CA ASN A 845 -10.37 -17.06 6.48
C ASN A 845 -9.72 -18.06 5.53
N LYS A 846 -9.11 -17.57 4.45
CA LYS A 846 -8.51 -18.41 3.42
C LYS A 846 -7.02 -18.15 3.35
N PRO A 847 -6.22 -19.15 2.99
CA PRO A 847 -4.78 -18.96 2.87
C PRO A 847 -4.45 -17.99 1.76
N PRO A 848 -3.25 -17.41 1.76
CA PRO A 848 -2.86 -16.53 0.65
C PRO A 848 -2.76 -17.30 -0.66
N ARG A 849 -3.02 -16.61 -1.75
CA ARG A 849 -3.07 -17.21 -3.07
C ARG A 849 -1.71 -17.16 -3.74
N ASN A 850 -1.34 -18.25 -4.40
CA ASN A 850 -0.10 -18.31 -5.15
C ASN A 850 -0.21 -17.46 -6.41
N PRO A 851 0.60 -16.41 -6.57
CA PRO A 851 0.48 -15.56 -7.76
C PRO A 851 0.98 -16.22 -9.04
N LYS A 852 1.47 -17.46 -8.97
CA LYS A 852 2.00 -18.13 -10.14
C LYS A 852 1.08 -19.23 -10.67
N GLU A 853 0.00 -19.55 -9.95
CA GLU A 853 -0.97 -20.52 -10.42
C GLU A 853 -1.73 -19.96 -11.63
N PRO A 854 -2.33 -20.82 -12.45
CA PRO A 854 -3.10 -20.32 -13.59
C PRO A 854 -4.25 -19.42 -13.15
N LEU A 855 -4.64 -18.52 -14.05
CA LEU A 855 -5.71 -17.58 -13.74
C LEU A 855 -7.03 -18.31 -13.52
N ILE A 856 -7.48 -19.07 -14.50
CA ILE A 856 -8.74 -19.79 -14.43
C ILE A 856 -8.46 -21.25 -14.12
N SER A 857 -9.22 -21.82 -13.20
CA SER A 857 -9.08 -23.20 -12.80
C SER A 857 -9.83 -24.12 -13.77
N GLY A 858 -9.55 -25.42 -13.68
CA GLY A 858 -10.29 -26.38 -14.47
C GLY A 858 -11.74 -26.49 -14.02
N TRP A 859 -11.98 -26.36 -12.71
CA TRP A 859 -13.34 -26.38 -12.20
C TRP A 859 -14.11 -25.16 -12.66
N LEU A 860 -13.42 -24.03 -12.80
CA LEU A 860 -14.10 -22.81 -13.27
C LEU A 860 -14.44 -22.89 -14.75
N PHE A 861 -13.57 -23.52 -15.54
CA PHE A 861 -13.88 -23.69 -16.96
C PHE A 861 -15.12 -24.56 -17.15
N PHE A 862 -15.38 -25.48 -16.21
CA PHE A 862 -16.59 -26.28 -16.27
C PHE A 862 -17.81 -25.43 -15.94
N ARG A 863 -17.69 -24.51 -14.99
CA ARG A 863 -18.81 -23.65 -14.63
C ARG A 863 -19.13 -22.68 -15.77
N TYR A 864 -18.12 -22.29 -16.55
CA TYR A 864 -18.37 -21.38 -17.66
C TYR A 864 -19.10 -22.09 -18.79
N LEU A 865 -18.71 -23.33 -19.09
CA LEU A 865 -19.37 -24.08 -20.15
C LEU A 865 -20.75 -24.54 -19.71
N ALA A 866 -20.91 -24.93 -18.46
CA ALA A 866 -22.20 -25.40 -17.97
C ALA A 866 -23.24 -24.30 -18.06
N ILE A 867 -22.89 -23.08 -17.68
CA ILE A 867 -23.82 -21.96 -17.79
C ILE A 867 -23.97 -21.53 -19.24
N GLY A 868 -22.86 -21.52 -19.98
CA GLY A 868 -22.93 -21.12 -21.38
C GLY A 868 -23.73 -22.10 -22.23
N CYS A 869 -23.70 -23.38 -21.87
CA CYS A 869 -24.48 -24.37 -22.62
C CYS A 869 -25.97 -24.19 -22.35
N TYR A 870 -26.33 -23.71 -21.16
CA TYR A 870 -27.75 -23.46 -20.89
C TYR A 870 -28.22 -22.16 -21.51
N VAL A 871 -27.37 -21.13 -21.50
CA VAL A 871 -27.75 -19.85 -22.08
C VAL A 871 -28.00 -19.99 -23.58
N GLY A 872 -27.20 -20.81 -24.25
CA GLY A 872 -27.42 -21.03 -25.67
C GLY A 872 -28.62 -21.90 -25.96
N ALA A 873 -28.80 -22.97 -25.19
CA ALA A 873 -29.94 -23.86 -25.40
C ALA A 873 -31.25 -23.17 -25.05
N ALA A 874 -31.24 -22.31 -24.03
CA ALA A 874 -32.44 -21.58 -23.67
C ALA A 874 -32.82 -20.58 -24.74
N THR A 875 -31.82 -20.02 -25.43
CA THR A 875 -32.10 -19.01 -26.44
C THR A 875 -32.60 -19.66 -27.74
N VAL A 876 -32.08 -20.84 -28.07
CA VAL A 876 -32.59 -21.57 -29.22
C VAL A 876 -33.94 -22.19 -28.91
N GLY A 877 -34.14 -22.63 -27.66
CA GLY A 877 -35.40 -23.21 -27.28
C GLY A 877 -36.53 -22.19 -27.23
N ALA A 878 -36.20 -20.93 -26.96
CA ALA A 878 -37.23 -19.89 -26.93
C ALA A 878 -37.81 -19.65 -28.32
N ALA A 879 -36.94 -19.61 -29.34
CA ALA A 879 -37.43 -19.45 -30.71
C ALA A 879 -38.08 -20.72 -31.22
N ALA A 880 -37.63 -21.88 -30.76
CA ALA A 880 -38.28 -23.13 -31.15
C ALA A 880 -39.62 -23.29 -30.45
N TRP A 881 -39.76 -22.71 -29.26
CA TRP A 881 -41.04 -22.74 -28.56
C TRP A 881 -42.11 -21.99 -29.34
N TRP A 882 -41.76 -20.83 -29.88
CA TRP A 882 -42.75 -20.02 -30.59
C TRP A 882 -43.20 -20.70 -31.88
N PHE A 883 -42.28 -21.33 -32.59
CA PHE A 883 -42.63 -21.98 -33.84
C PHE A 883 -43.47 -23.23 -33.62
N ILE A 884 -43.23 -23.94 -32.53
CA ILE A 884 -43.78 -25.28 -32.32
C ILE A 884 -44.89 -25.29 -31.27
N ALA A 885 -44.67 -24.65 -30.13
CA ALA A 885 -45.56 -24.80 -28.98
C ALA A 885 -46.42 -23.58 -28.68
N ALA A 886 -46.00 -22.38 -29.07
CA ALA A 886 -46.74 -21.19 -28.70
C ALA A 886 -48.09 -21.15 -29.39
N ASP A 887 -49.06 -20.50 -28.73
CA ASP A 887 -50.42 -20.44 -29.26
C ASP A 887 -50.55 -19.37 -30.33
N GLY A 888 -49.99 -18.19 -30.09
CA GLY A 888 -50.12 -17.11 -31.07
C GLY A 888 -49.41 -17.42 -32.37
N GLY A 889 -48.31 -18.17 -32.30
CA GLY A 889 -47.57 -18.52 -33.49
C GLY A 889 -48.13 -19.75 -34.18
N PRO A 890 -47.46 -20.20 -35.23
CA PRO A 890 -47.90 -21.40 -35.93
C PRO A 890 -47.63 -22.65 -35.09
N ARG A 891 -48.04 -23.79 -35.63
CA ARG A 891 -47.87 -25.08 -34.98
C ARG A 891 -47.04 -26.02 -35.84
N VAL A 892 -45.96 -25.51 -36.43
CA VAL A 892 -45.11 -26.35 -37.27
C VAL A 892 -44.43 -27.40 -36.40
N SER A 893 -44.01 -28.49 -37.05
CA SER A 893 -43.35 -29.57 -36.34
C SER A 893 -41.84 -29.33 -36.30
N PHE A 894 -41.11 -30.29 -35.73
CA PHE A 894 -39.67 -30.17 -35.70
C PHE A 894 -39.07 -30.38 -37.08
N TYR A 895 -39.70 -31.22 -37.91
CA TYR A 895 -39.21 -31.43 -39.26
C TYR A 895 -39.41 -30.20 -40.13
N GLN A 896 -40.59 -29.58 -40.05
CA GLN A 896 -40.86 -28.39 -40.85
C GLN A 896 -40.05 -27.18 -40.39
N LEU A 897 -39.48 -27.22 -39.18
CA LEU A 897 -38.63 -26.15 -38.71
C LEU A 897 -37.16 -26.38 -39.05
N SER A 898 -36.72 -27.63 -39.06
CA SER A 898 -35.34 -27.94 -39.41
C SER A 898 -35.10 -27.95 -40.91
N HIS A 899 -36.16 -27.93 -41.73
CA HIS A 899 -36.06 -27.90 -43.18
C HIS A 899 -36.87 -26.74 -43.75
N PHE A 900 -36.85 -25.60 -43.05
CA PHE A 900 -37.67 -24.47 -43.44
C PHE A 900 -37.24 -23.86 -44.77
N LEU A 901 -36.01 -24.11 -45.22
CA LEU A 901 -35.52 -23.52 -46.45
C LEU A 901 -36.15 -24.13 -47.70
N GLN A 902 -36.66 -25.37 -47.61
CA GLN A 902 -37.32 -26.02 -48.72
C GLN A 902 -38.84 -25.89 -48.66
N CYS A 903 -39.35 -24.94 -47.88
CA CYS A 903 -40.78 -24.72 -47.79
C CYS A 903 -41.29 -23.99 -49.02
N LYS A 904 -42.17 -24.65 -49.78
CA LYS A 904 -42.78 -24.06 -50.96
C LYS A 904 -44.24 -24.45 -51.01
N GLU A 905 -44.99 -23.77 -51.89
CA GLU A 905 -46.40 -24.08 -52.05
C GLU A 905 -46.59 -25.46 -52.67
N ASP A 906 -45.65 -25.88 -53.50
CA ASP A 906 -45.70 -27.17 -54.16
C ASP A 906 -45.14 -28.31 -53.30
N ASN A 907 -44.85 -28.05 -52.03
CA ASN A 907 -44.27 -29.06 -51.16
C ASN A 907 -45.38 -29.74 -50.36
N PRO A 908 -45.55 -31.06 -50.49
CA PRO A 908 -46.61 -31.72 -49.70
C PRO A 908 -46.27 -31.83 -48.22
N ASP A 909 -44.99 -31.80 -47.87
CA ASP A 909 -44.62 -31.86 -46.45
C ASP A 909 -45.01 -30.58 -45.73
N PHE A 910 -45.03 -29.45 -46.44
CA PHE A 910 -45.40 -28.16 -45.87
C PHE A 910 -46.78 -27.80 -46.37
N GLU A 911 -47.81 -28.15 -45.60
CA GLU A 911 -49.19 -27.90 -45.95
C GLU A 911 -49.81 -26.98 -44.90
N GLY A 912 -50.47 -25.91 -45.37
CA GLY A 912 -51.07 -24.95 -44.47
C GLY A 912 -50.09 -24.06 -43.76
N VAL A 913 -48.80 -24.15 -44.07
CA VAL A 913 -47.76 -23.36 -43.44
C VAL A 913 -47.28 -22.32 -44.44
N ASP A 914 -47.17 -21.08 -43.98
CA ASP A 914 -46.65 -20.02 -44.82
C ASP A 914 -45.14 -19.98 -44.74
N CYS A 915 -44.50 -19.72 -45.88
CA CYS A 915 -43.04 -19.58 -45.88
C CYS A 915 -42.62 -18.23 -45.32
N ALA A 916 -43.56 -17.28 -45.23
CA ALA A 916 -43.24 -15.97 -44.69
C ALA A 916 -43.18 -15.99 -43.17
N ILE A 917 -43.76 -17.01 -42.55
CA ILE A 917 -43.82 -17.09 -41.10
C ILE A 917 -42.43 -17.41 -40.54
N PHE A 918 -41.55 -17.92 -41.40
CA PHE A 918 -40.19 -18.22 -40.98
C PHE A 918 -39.30 -16.98 -40.93
N GLU A 919 -39.75 -15.87 -41.50
CA GLU A 919 -39.10 -14.57 -41.33
C GLU A 919 -39.82 -13.70 -40.31
N SER A 920 -40.55 -14.32 -39.38
CA SER A 920 -41.31 -13.56 -38.40
C SER A 920 -40.38 -12.93 -37.37
N PRO A 921 -40.66 -11.71 -36.92
CA PRO A 921 -39.86 -11.10 -35.86
C PRO A 921 -40.21 -11.57 -34.46
N TYR A 922 -41.22 -12.43 -34.31
CA TYR A 922 -41.57 -12.96 -32.99
C TYR A 922 -40.51 -13.90 -32.44
N PRO A 923 -40.05 -14.93 -33.16
CA PRO A 923 -39.02 -15.81 -32.57
C PRO A 923 -37.68 -15.11 -32.37
N MET A 924 -37.38 -14.08 -33.17
CA MET A 924 -36.15 -13.33 -32.95
C MET A 924 -36.25 -12.49 -31.68
N THR A 925 -37.44 -12.01 -31.35
CA THR A 925 -37.63 -11.28 -30.11
C THR A 925 -37.61 -12.23 -28.91
N MET A 926 -38.12 -13.45 -29.09
CA MET A 926 -38.08 -14.44 -28.01
C MET A 926 -36.64 -14.81 -27.68
N ALA A 927 -35.78 -14.90 -28.70
CA ALA A 927 -34.37 -15.19 -28.45
C ALA A 927 -33.65 -14.00 -27.85
N LEU A 928 -33.97 -12.79 -28.33
CA LEU A 928 -33.31 -11.59 -27.83
C LEU A 928 -33.76 -11.27 -26.41
N SER A 929 -35.02 -11.54 -26.08
CA SER A 929 -35.51 -11.27 -24.73
C SER A 929 -34.96 -12.28 -23.74
N VAL A 930 -34.92 -13.56 -24.12
CA VAL A 930 -34.35 -14.58 -23.25
C VAL A 930 -32.87 -14.32 -23.03
N LEU A 931 -32.16 -13.90 -24.07
CA LEU A 931 -30.72 -13.68 -23.97
C LEU A 931 -30.40 -12.54 -23.01
N VAL A 932 -31.18 -11.46 -23.06
CA VAL A 932 -30.94 -10.33 -22.18
C VAL A 932 -31.37 -10.67 -20.75
N THR A 933 -32.49 -11.36 -20.61
CA THR A 933 -33.01 -11.68 -19.28
C THR A 933 -32.18 -12.76 -18.60
N ILE A 934 -31.69 -13.74 -19.36
CA ILE A 934 -30.92 -14.83 -18.76
C ILE A 934 -29.53 -14.34 -18.37
N GLU A 935 -29.07 -13.23 -18.94
CA GLU A 935 -27.76 -12.70 -18.58
C GLU A 935 -27.85 -11.71 -17.43
N MET A 936 -29.01 -11.08 -17.23
CA MET A 936 -29.22 -10.30 -16.02
C MET A 936 -29.33 -11.21 -14.80
N CYS A 937 -29.94 -12.39 -14.97
CA CYS A 937 -29.96 -13.37 -13.90
C CYS A 937 -28.57 -13.97 -13.67
N ASN A 938 -27.79 -14.10 -14.75
CA ASN A 938 -26.43 -14.61 -14.61
C ASN A 938 -25.52 -13.62 -13.89
N ALA A 939 -25.82 -12.33 -14.00
CA ALA A 939 -25.04 -11.33 -13.26
C ALA A 939 -25.36 -11.38 -11.78
N LEU A 940 -26.60 -11.76 -11.42
CA LEU A 940 -26.94 -11.95 -10.02
C LEU A 940 -26.22 -13.15 -9.43
N ASN A 941 -25.87 -14.13 -10.26
CA ASN A 941 -25.07 -15.26 -9.82
C ASN A 941 -23.61 -14.93 -9.64
N SER A 942 -23.23 -13.65 -9.73
CA SER A 942 -21.83 -13.26 -9.73
C SER A 942 -21.49 -12.31 -8.58
N LEU A 943 -22.35 -12.20 -7.57
CA LEU A 943 -21.98 -11.43 -6.39
C LEU A 943 -20.94 -12.15 -5.55
N SER A 944 -20.79 -13.45 -5.74
CA SER A 944 -19.83 -14.24 -4.99
C SER A 944 -19.52 -15.49 -5.80
N GLU A 945 -18.36 -16.08 -5.54
CA GLU A 945 -17.97 -17.27 -6.28
C GLU A 945 -18.73 -18.49 -5.81
N ASN A 946 -18.84 -18.69 -4.49
CA ASN A 946 -19.46 -19.89 -3.94
C ASN A 946 -20.60 -19.61 -2.99
N GLN A 947 -20.84 -18.36 -2.60
CA GLN A 947 -21.91 -18.05 -1.67
C GLN A 947 -23.23 -17.96 -2.41
N SER A 948 -24.25 -18.61 -1.86
CA SER A 948 -25.55 -18.67 -2.50
C SER A 948 -26.20 -17.29 -2.54
N LEU A 949 -27.24 -17.16 -3.37
CA LEU A 949 -28.00 -15.92 -3.41
C LEU A 949 -28.82 -15.73 -2.16
N LEU A 950 -29.06 -16.80 -1.40
CA LEU A 950 -29.82 -16.69 -0.16
C LEU A 950 -28.95 -16.09 0.95
N ARG A 951 -27.66 -16.40 0.95
CA ARG A 951 -26.76 -15.85 1.95
C ARG A 951 -26.36 -14.42 1.60
N MET A 952 -25.99 -14.19 0.35
CA MET A 952 -25.61 -12.85 -0.12
C MET A 952 -26.66 -12.35 -1.11
N PRO A 953 -27.67 -11.62 -0.66
CA PRO A 953 -28.74 -11.19 -1.57
C PRO A 953 -28.23 -10.16 -2.56
N PRO A 954 -28.98 -9.92 -3.65
CA PRO A 954 -28.49 -8.98 -4.67
C PRO A 954 -28.35 -7.55 -4.18
N TRP A 955 -29.08 -7.15 -3.13
CA TRP A 955 -28.98 -5.78 -2.65
C TRP A 955 -27.68 -5.51 -1.90
N GLU A 956 -26.81 -6.51 -1.74
CA GLU A 956 -25.48 -6.26 -1.21
C GLU A 956 -24.67 -5.39 -2.15
N ASN A 957 -24.93 -5.49 -3.45
CA ASN A 957 -24.34 -4.63 -4.47
C ASN A 957 -25.48 -3.83 -5.09
N ILE A 958 -25.63 -2.57 -4.66
CA ILE A 958 -26.73 -1.74 -5.16
C ILE A 958 -26.37 -1.18 -6.53
N TRP A 959 -25.09 -1.20 -6.89
CA TRP A 959 -24.68 -0.78 -8.23
C TRP A 959 -25.09 -1.81 -9.27
N LEU A 960 -25.05 -3.09 -8.90
CA LEU A 960 -25.45 -4.14 -9.84
C LEU A 960 -26.96 -4.18 -10.03
N VAL A 961 -27.71 -4.02 -8.93
CA VAL A 961 -29.17 -3.97 -9.03
C VAL A 961 -29.60 -2.80 -9.90
N GLY A 962 -29.01 -1.63 -9.68
CA GLY A 962 -29.36 -0.47 -10.49
C GLY A 962 -28.97 -0.64 -11.95
N SER A 963 -27.86 -1.34 -12.21
CA SER A 963 -27.43 -1.56 -13.59
C SER A 963 -28.32 -2.57 -14.29
N ILE A 964 -28.83 -3.55 -13.54
CA ILE A 964 -29.74 -4.53 -14.13
C ILE A 964 -31.09 -3.90 -14.44
N CYS A 965 -31.58 -3.02 -13.56
CA CYS A 965 -32.83 -2.32 -13.81
C CYS A 965 -32.69 -1.35 -14.97
N LEU A 966 -31.49 -0.81 -15.19
CA LEU A 966 -31.27 0.07 -16.32
C LEU A 966 -31.20 -0.71 -17.63
N SER A 967 -30.60 -1.90 -17.60
CA SER A 967 -30.51 -2.71 -18.82
C SER A 967 -31.87 -3.26 -19.20
N MET A 968 -32.67 -3.69 -18.22
CA MET A 968 -34.00 -4.20 -18.51
C MET A 968 -34.94 -3.06 -18.91
N SER A 969 -34.65 -1.84 -18.49
CA SER A 969 -35.45 -0.70 -18.92
C SER A 969 -35.15 -0.32 -20.36
N LEU A 970 -33.88 -0.37 -20.75
CA LEU A 970 -33.51 -0.09 -22.13
C LEU A 970 -34.05 -1.17 -23.06
N HIS A 971 -34.16 -2.41 -22.58
CA HIS A 971 -34.73 -3.48 -23.39
C HIS A 971 -36.22 -3.28 -23.58
N PHE A 972 -36.93 -2.92 -22.51
CA PHE A 972 -38.34 -2.57 -22.65
C PHE A 972 -38.53 -1.33 -23.49
N LEU A 973 -37.51 -0.49 -23.57
CA LEU A 973 -37.63 0.76 -24.33
C LEU A 973 -37.62 0.50 -25.82
N ILE A 974 -36.74 -0.40 -26.29
CA ILE A 974 -36.67 -0.69 -27.71
C ILE A 974 -37.77 -1.65 -28.15
N LEU A 975 -38.57 -2.17 -27.23
CA LEU A 975 -39.67 -3.05 -27.59
C LEU A 975 -41.00 -2.32 -27.74
N TYR A 976 -41.21 -1.21 -27.01
CA TYR A 976 -42.53 -0.61 -26.95
C TYR A 976 -42.57 0.86 -27.34
N VAL A 977 -41.44 1.56 -27.39
CA VAL A 977 -41.44 2.91 -27.91
C VAL A 977 -41.69 2.87 -29.40
N GLU A 978 -42.40 3.88 -29.92
CA GLU A 978 -43.06 3.76 -31.22
C GLU A 978 -42.14 3.32 -32.36
N PRO A 979 -41.02 4.00 -32.65
CA PRO A 979 -40.28 3.64 -33.88
C PRO A 979 -39.25 2.55 -33.70
N LEU A 980 -38.88 2.23 -32.46
CA LEU A 980 -37.69 1.40 -32.25
C LEU A 980 -37.82 -0.06 -32.66
N PRO A 981 -38.95 -0.76 -32.42
CA PRO A 981 -38.99 -2.18 -32.83
C PRO A 981 -38.70 -2.41 -34.29
N LEU A 982 -38.99 -1.44 -35.15
CA LEU A 982 -38.71 -1.60 -36.57
C LEU A 982 -37.22 -1.47 -36.84
N ILE A 983 -36.50 -0.72 -36.00
CA ILE A 983 -35.07 -0.55 -36.18
C ILE A 983 -34.33 -1.84 -35.88
N PHE A 984 -34.61 -2.44 -34.72
CA PHE A 984 -33.97 -3.68 -34.30
C PHE A 984 -34.67 -4.91 -34.83
N GLN A 985 -35.76 -4.75 -35.59
CA GLN A 985 -36.50 -5.85 -36.19
C GLN A 985 -37.02 -6.82 -35.14
N ILE A 986 -37.76 -6.28 -34.18
CA ILE A 986 -38.37 -7.05 -33.10
C ILE A 986 -39.85 -6.71 -33.02
N THR A 987 -40.53 -7.32 -32.05
CA THR A 987 -41.97 -7.19 -31.89
C THR A 987 -42.30 -7.11 -30.40
N PRO A 988 -43.22 -6.22 -30.02
CA PRO A 988 -43.67 -6.18 -28.62
C PRO A 988 -44.26 -7.51 -28.20
N LEU A 989 -43.79 -8.02 -27.07
CA LEU A 989 -44.31 -9.25 -26.49
C LEU A 989 -45.43 -8.93 -25.50
N ASN A 990 -46.35 -9.87 -25.34
CA ASN A 990 -47.42 -9.72 -24.37
C ASN A 990 -47.00 -10.35 -23.04
N VAL A 991 -47.94 -10.47 -22.11
CA VAL A 991 -47.61 -11.03 -20.80
C VAL A 991 -47.36 -12.53 -20.90
N THR A 992 -48.11 -13.23 -21.77
CA THR A 992 -47.92 -14.67 -21.90
C THR A 992 -46.55 -15.01 -22.45
N GLN A 993 -46.08 -14.24 -23.44
CA GLN A 993 -44.75 -14.48 -23.99
C GLN A 993 -43.66 -14.02 -23.03
N TRP A 994 -43.92 -12.95 -22.29
CA TRP A 994 -42.95 -12.49 -21.31
C TRP A 994 -42.84 -13.45 -20.13
N LEU A 995 -43.92 -14.17 -19.83
CA LEU A 995 -43.86 -15.20 -18.79
C LEU A 995 -43.01 -16.39 -19.25
N MET A 996 -43.07 -16.72 -20.54
CA MET A 996 -42.23 -17.78 -21.06
C MET A 996 -40.76 -17.37 -21.05
N VAL A 997 -40.49 -16.08 -21.27
CA VAL A 997 -39.12 -15.59 -21.18
C VAL A 997 -38.59 -15.78 -19.76
N LEU A 998 -39.42 -15.50 -18.76
CA LEU A 998 -39.01 -15.69 -17.37
C LEU A 998 -38.97 -17.16 -17.00
N LYS A 999 -39.85 -17.97 -17.59
CA LYS A 999 -39.85 -19.41 -17.31
C LYS A 999 -38.54 -20.05 -17.72
N ILE A 1000 -37.93 -19.57 -18.81
CA ILE A 1000 -36.71 -20.21 -19.32
C ILE A 1000 -35.49 -19.53 -18.74
N SER A 1001 -35.59 -18.24 -18.39
CA SER A 1001 -34.41 -17.50 -17.93
C SER A 1001 -34.10 -17.81 -16.47
N LEU A 1002 -35.12 -18.00 -15.65
CA LEU A 1002 -34.90 -18.21 -14.22
C LEU A 1002 -34.07 -19.45 -13.88
N PRO A 1003 -34.20 -20.60 -14.54
CA PRO A 1003 -33.40 -21.76 -14.15
C PRO A 1003 -31.90 -21.58 -14.28
N VAL A 1004 -31.42 -20.45 -14.82
CA VAL A 1004 -29.98 -20.22 -14.83
C VAL A 1004 -29.49 -19.87 -13.43
N ILE A 1005 -30.39 -19.34 -12.59
CA ILE A 1005 -30.03 -19.06 -11.20
C ILE A 1005 -29.96 -20.35 -10.41
N LEU A 1006 -30.94 -21.24 -10.59
CA LEU A 1006 -30.94 -22.51 -9.89
C LEU A 1006 -29.75 -23.37 -10.32
N MET A 1007 -29.29 -23.21 -11.57
CA MET A 1007 -28.17 -24.00 -12.05
C MET A 1007 -26.86 -23.55 -11.41
N ASP A 1008 -26.69 -22.24 -11.23
CA ASP A 1008 -25.48 -21.74 -10.57
C ASP A 1008 -25.51 -22.03 -9.08
N GLU A 1009 -26.69 -21.95 -8.46
CA GLU A 1009 -26.82 -22.31 -7.05
C GLU A 1009 -26.44 -23.76 -6.83
N THR A 1010 -26.64 -24.61 -7.85
CA THR A 1010 -26.23 -26.01 -7.73
C THR A 1010 -24.73 -26.16 -7.91
N LEU A 1011 -24.14 -25.40 -8.84
CA LEU A 1011 -22.69 -25.43 -9.00
C LEU A 1011 -21.99 -24.79 -7.81
N LYS A 1012 -22.59 -23.74 -7.25
CA LYS A 1012 -22.04 -23.15 -6.03
C LYS A 1012 -22.15 -24.10 -4.85
N PHE A 1013 -23.22 -24.90 -4.82
CA PHE A 1013 -23.39 -25.87 -3.73
C PHE A 1013 -22.31 -26.94 -3.77
N VAL A 1014 -22.03 -27.46 -4.97
CA VAL A 1014 -21.01 -28.52 -5.11
C VAL A 1014 -19.63 -27.97 -4.77
N ALA A 1015 -19.36 -26.72 -5.12
CA ALA A 1015 -18.06 -26.13 -4.81
C ALA A 1015 -17.85 -25.98 -3.31
N ARG A 1016 -18.94 -25.70 -2.57
CA ARG A 1016 -18.82 -25.54 -1.13
C ARG A 1016 -18.68 -26.89 -0.43
N ASN A 1017 -19.61 -27.80 -0.69
CA ASN A 1017 -19.71 -29.04 0.06
C ASN A 1017 -18.84 -30.17 -0.48
N TYR A 1018 -18.24 -30.00 -1.66
CA TYR A 1018 -17.45 -31.07 -2.26
C TYR A 1018 -16.11 -30.63 -2.80
N LEU A 1019 -15.86 -29.33 -2.97
CA LEU A 1019 -14.59 -28.87 -3.51
C LEU A 1019 -13.85 -27.93 -2.56
N GLU A 1020 -14.42 -27.60 -1.41
CA GLU A 1020 -13.75 -26.76 -0.44
C GLU A 1020 -14.31 -27.00 0.97
N GLY A 1041 -29.98 -20.18 3.44
CA GLY A 1041 -31.21 -19.43 3.55
C GLY A 1041 -31.22 -18.49 4.74
N ILE A 1042 -30.10 -17.78 4.93
CA ILE A 1042 -30.01 -16.85 6.06
C ILE A 1042 -30.92 -15.65 5.84
N SER A 1043 -30.87 -15.05 4.66
CA SER A 1043 -31.67 -13.86 4.36
C SER A 1043 -33.09 -14.31 4.03
N TRP A 1044 -33.93 -14.37 5.05
CA TRP A 1044 -35.34 -14.70 4.90
C TRP A 1044 -36.14 -13.59 4.24
N PRO A 1045 -35.81 -12.30 4.48
CA PRO A 1045 -36.46 -11.25 3.67
C PRO A 1045 -36.28 -11.44 2.17
N PHE A 1046 -35.21 -12.11 1.74
CA PHE A 1046 -35.00 -12.36 0.33
C PHE A 1046 -35.85 -13.52 -0.17
N VAL A 1047 -36.06 -14.54 0.67
CA VAL A 1047 -36.86 -15.68 0.28
C VAL A 1047 -38.32 -15.27 0.10
N LEU A 1048 -38.82 -14.40 0.97
CA LEU A 1048 -40.20 -13.94 0.85
C LEU A 1048 -40.39 -12.96 -0.29
N LEU A 1049 -39.32 -12.58 -0.98
CA LEU A 1049 -39.40 -11.63 -2.08
C LEU A 1049 -39.41 -12.31 -3.45
N ILE A 1050 -38.76 -13.46 -3.57
CA ILE A 1050 -38.62 -14.12 -4.87
C ILE A 1050 -39.61 -15.27 -4.98
N MET A 1051 -39.96 -15.89 -3.85
CA MET A 1051 -40.85 -17.04 -3.87
C MET A 1051 -42.24 -16.68 -4.40
N PRO A 1052 -42.84 -15.55 -3.99
CA PRO A 1052 -44.11 -15.17 -4.63
C PRO A 1052 -43.99 -14.94 -6.12
N LEU A 1053 -42.83 -14.48 -6.60
CA LEU A 1053 -42.63 -14.31 -8.04
C LEU A 1053 -42.39 -15.66 -8.71
N VAL A 1054 -41.70 -16.56 -8.03
CA VAL A 1054 -41.46 -17.90 -8.58
C VAL A 1054 -42.78 -18.66 -8.70
N ILE A 1055 -43.68 -18.46 -7.74
CA ILE A 1055 -45.00 -19.09 -7.81
C ILE A 1055 -45.81 -18.50 -8.96
N TRP A 1056 -45.74 -17.19 -9.14
CA TRP A 1056 -46.50 -16.56 -10.21
C TRP A 1056 -45.95 -16.94 -11.58
N VAL A 1057 -44.63 -16.99 -11.72
CA VAL A 1057 -44.03 -17.28 -13.01
C VAL A 1057 -44.35 -18.71 -13.45
N TYR A 1058 -44.15 -19.67 -12.55
CA TYR A 1058 -44.41 -21.07 -12.86
C TYR A 1058 -45.83 -21.50 -12.52
N SER A 1059 -46.72 -20.56 -12.24
CA SER A 1059 -48.14 -20.83 -11.99
C SER A 1059 -48.35 -21.88 -10.92
PG ACP B . 14.26 -1.71 15.76
O1G ACP B . 13.12 -2.67 15.94
O2G ACP B . 15.21 -2.24 14.72
O3G ACP B . 13.71 -0.37 15.29
PB ACP B . 16.42 -0.18 17.26
O1B ACP B . 16.14 0.85 18.33
O2B ACP B . 16.29 0.47 15.91
C3B ACP B . 15.16 -1.55 17.38
PA ACP B . 19.14 -0.53 16.37
O1A ACP B . 19.02 -1.50 15.22
O2A ACP B . 19.05 0.87 15.82
O3A ACP B . 17.93 -0.78 17.45
O5' ACP B . 20.60 -0.72 17.11
C5' ACP B . 20.75 -1.77 18.03
C4' ACP B . 21.01 -1.23 19.45
O4' ACP B . 21.63 -0.09 19.39
C3' ACP B . 19.68 -0.90 20.16
O3' ACP B . 19.23 -1.97 20.84
C2' ACP B . 20.06 0.22 21.15
O2' ACP B . 20.30 -0.36 22.50
C1' ACP B . 21.16 0.76 20.69
N9 ACP B . 20.90 2.12 20.31
C8 ACP B . 19.83 2.58 19.64
N7 ACP B . 19.98 3.89 19.49
C5 ACP B . 21.13 4.25 20.07
C6 ACP B . 21.76 5.48 20.20
N6 ACP B . 21.38 6.80 19.76
N1 ACP B . 22.91 5.56 20.83
C2 ACP B . 23.48 4.44 21.35
N3 ACP B . 22.87 3.25 21.21
C4 ACP B . 21.69 3.17 20.58
MG MG C . 11.83 0.67 14.01
CA CA D . -18.58 -7.96 -25.62
CA CA E . -22.92 -10.63 -22.95
#